data_4PLG
#
_entry.id   4PLG
#
_cell.length_a   113.680
_cell.length_b   143.260
_cell.length_c   91.540
_cell.angle_alpha   90.000
_cell.angle_beta   90.000
_cell.angle_gamma   90.000
#
_symmetry.space_group_name_H-M   'C 2 2 21'
#
loop_
_entity.id
_entity.type
_entity.pdbx_description
1 polymer 'lactate dehydrogenase'
2 non-polymer 'OXAMIC ACID'
3 non-polymer 'SODIUM ION'
4 non-polymer '1,4-DIHYDRONICOTINAMIDE ADENINE DINUCLEOTIDE'
5 water water
#
_entity_poly.entity_id   1
_entity_poly.type   'polypeptide(L)'
_entity_poly.pdbx_seq_one_letter_code
;MTGTMTKRKKISLIGSGMIGGTMAYLCAQKELGDVVLFDVVKNMPQGKALDLSHSSSIADTNVKVTGTNSYEDIKGSDVV
IITAGLTKAPGKSDKEWSRDDLLPFNAKIMREVGENIKKYCPNAFVIVITNPLDVMVKVLHEHSGLPKNKVCGMAGVLDS
SRFRHFIAEKLNVSPRDVQAMVIGAHGDKMVPLTRYVTVNGIPLQEFIKKGRITQEEIDEIVERTKNAGGEIVNLLGQGS
AYFAPAASAIEMAEAYLKDKKRVLVCSCYLEGQYGHKDMFVGVPAVIGGNGVEKVIELELTPEEKELFDKSVEEVRKLQK
AIKALGLEHHHHHH
;
_entity_poly.pdbx_strand_id   A,B
#
loop_
_chem_comp.id
_chem_comp.type
_chem_comp.name
_chem_comp.formula
NA non-polymer 'SODIUM ION' 'Na 1'
NAI non-polymer '1,4-DIHYDRONICOTINAMIDE ADENINE DINUCLEOTIDE' 'C21 H29 N7 O14 P2'
OXM non-polymer 'OXAMIC ACID' 'C2 H3 N O3'
#
# COMPACT_ATOMS: atom_id res chain seq x y z
N MET A 5 19.42 11.25 26.15
CA MET A 5 18.05 10.71 26.04
C MET A 5 17.36 11.21 24.78
N THR A 6 16.80 10.28 24.01
CA THR A 6 16.09 10.62 22.78
C THR A 6 14.60 10.83 23.04
N LYS A 7 14.14 12.05 22.82
CA LYS A 7 12.76 12.38 23.11
C LYS A 7 11.80 11.84 22.06
N ARG A 8 10.55 11.66 22.45
CA ARG A 8 9.49 11.40 21.48
C ARG A 8 9.49 12.50 20.44
N LYS A 9 9.10 12.16 19.25
CA LYS A 9 8.85 13.17 18.24
C LYS A 9 7.78 14.15 18.76
N LYS A 10 7.87 15.38 18.29
CA LYS A 10 6.95 16.45 18.66
C LYS A 10 6.32 17.00 17.40
N ILE A 11 4.99 16.96 17.36
CA ILE A 11 4.23 17.42 16.21
C ILE A 11 3.30 18.55 16.64
N SER A 12 3.48 19.73 16.05
CA SER A 12 2.59 20.86 16.33
C SER A 12 1.60 21.06 15.23
N LEU A 13 0.35 21.21 15.64
CA LEU A 13 -0.76 21.38 14.73
C LEU A 13 -1.26 22.81 14.92
N ILE A 14 -0.93 23.66 13.95
CA ILE A 14 -1.27 25.08 14.03
C ILE A 14 -2.62 25.23 13.35
N GLY A 15 -3.64 25.34 14.20
CA GLY A 15 -5.02 25.18 13.80
C GLY A 15 -5.59 23.92 14.41
N SER A 16 -6.65 24.07 15.22
CA SER A 16 -7.19 22.96 16.02
C SER A 16 -8.66 22.76 15.74
N GLY A 17 -9.05 23.06 14.51
CA GLY A 17 -10.42 22.83 14.07
C GLY A 17 -10.61 21.40 13.59
N MET A 18 -11.42 21.22 12.55
CA MET A 18 -11.78 19.87 12.15
C MET A 18 -10.57 19.07 11.70
N ILE A 19 -9.76 19.61 10.81
CA ILE A 19 -8.59 18.86 10.33
C ILE A 19 -7.54 18.71 11.45
N GLY A 20 -7.27 19.78 12.18
CA GLY A 20 -6.27 19.70 13.22
C GLY A 20 -6.59 18.68 14.31
N GLY A 21 -7.81 18.69 14.83
CA GLY A 21 -8.22 17.71 15.80
C GLY A 21 -8.16 16.29 15.28
N THR A 22 -8.60 16.11 14.06
CA THR A 22 -8.61 14.78 13.46
C THR A 22 -7.18 14.27 13.24
N MET A 23 -6.26 15.13 12.82
CA MET A 23 -4.85 14.76 12.75
C MET A 23 -4.31 14.37 14.11
N ALA A 24 -4.65 15.15 15.14
CA ALA A 24 -4.21 14.80 16.48
C ALA A 24 -4.70 13.41 16.88
N TYR A 25 -5.92 13.08 16.49
CA TYR A 25 -6.48 11.75 16.77
C TYR A 25 -5.67 10.66 16.11
N LEU A 26 -5.31 10.85 14.84
CA LEU A 26 -4.45 9.88 14.17
C LEU A 26 -3.11 9.77 14.87
N CYS A 27 -2.55 10.91 15.33
CA CYS A 27 -1.27 10.84 16.02
C CYS A 27 -1.39 10.00 17.29
N ALA A 28 -2.50 10.15 17.99
CA ALA A 28 -2.76 9.38 19.21
C ALA A 28 -2.96 7.89 18.90
N GLN A 29 -3.76 7.58 17.89
CA GLN A 29 -3.99 6.19 17.51
C GLN A 29 -2.72 5.49 17.07
N LYS A 30 -1.88 6.21 16.35
CA LYS A 30 -0.67 5.67 15.73
C LYS A 30 0.58 5.86 16.61
N GLU A 31 0.39 6.53 17.74
CA GLU A 31 1.50 6.84 18.65
C GLU A 31 2.69 7.49 17.92
N LEU A 32 2.40 8.49 17.09
CA LEU A 32 3.45 9.10 16.26
C LEU A 32 4.41 9.98 17.04
N GLY A 33 3.90 10.61 18.09
CA GLY A 33 4.68 11.55 18.87
C GLY A 33 3.75 12.35 19.73
N ASP A 34 4.33 13.18 20.59
CA ASP A 34 3.53 14.11 21.37
C ASP A 34 2.97 15.18 20.44
N VAL A 35 1.81 15.75 20.81
CA VAL A 35 1.05 16.64 19.96
C VAL A 35 0.79 17.94 20.69
N VAL A 36 1.02 19.06 19.99
CA VAL A 36 0.58 20.37 20.44
C VAL A 36 -0.52 20.84 19.49
N LEU A 37 -1.70 21.10 20.05
CA LEU A 37 -2.84 21.67 19.33
C LEU A 37 -2.93 23.16 19.65
N PHE A 38 -2.57 23.99 18.68
CA PHE A 38 -2.58 25.44 18.84
C PHE A 38 -3.76 26.03 18.08
N ASP A 39 -4.41 27.01 18.68
CA ASP A 39 -5.46 27.74 17.99
C ASP A 39 -5.56 29.13 18.60
N VAL A 40 -6.17 30.05 17.86
CA VAL A 40 -6.46 31.37 18.42
C VAL A 40 -7.72 31.40 19.28
N VAL A 41 -8.61 30.43 19.12
CA VAL A 41 -9.83 30.40 19.94
C VAL A 41 -9.48 29.93 21.34
N LYS A 42 -9.75 30.75 22.34
CA LYS A 42 -9.41 30.39 23.71
C LYS A 42 -10.17 29.14 24.14
N ASN A 43 -9.47 28.27 24.89
CA ASN A 43 -10.05 27.11 25.59
C ASN A 43 -10.39 25.91 24.72
N MET A 44 -10.74 26.16 23.46
CA MET A 44 -11.17 25.07 22.60
C MET A 44 -10.07 24.01 22.38
N PRO A 45 -8.83 24.41 22.06
CA PRO A 45 -7.81 23.36 21.88
C PRO A 45 -7.50 22.61 23.20
N GLN A 46 -7.61 23.31 24.33
CA GLN A 46 -7.44 22.67 25.62
C GLN A 46 -8.50 21.58 25.82
N GLY A 47 -9.74 21.87 25.44
CA GLY A 47 -10.79 20.90 25.61
C GLY A 47 -10.60 19.70 24.69
N LYS A 48 -10.27 19.96 23.43
CA LYS A 48 -9.98 18.86 22.53
C LYS A 48 -8.81 18.03 23.03
N ALA A 49 -7.77 18.68 23.54
CA ALA A 49 -6.59 17.97 23.99
C ALA A 49 -6.92 17.03 25.16
N LEU A 50 -7.82 17.45 26.04
CA LEU A 50 -8.25 16.57 27.13
C LEU A 50 -8.94 15.33 26.55
N ASP A 51 -9.88 15.57 25.64
CA ASP A 51 -10.64 14.48 25.02
C ASP A 51 -9.68 13.51 24.31
N LEU A 52 -8.74 14.08 23.59
CA LEU A 52 -7.76 13.28 22.87
C LEU A 52 -6.84 12.51 23.82
N SER A 53 -6.49 13.12 24.95
CA SER A 53 -5.68 12.44 25.95
C SER A 53 -6.43 11.21 26.49
N HIS A 54 -7.71 11.38 26.80
CA HIS A 54 -8.52 10.25 27.23
C HIS A 54 -8.54 9.16 26.15
N SER A 55 -8.63 9.57 24.89
CA SER A 55 -8.66 8.58 23.81
C SER A 55 -7.35 7.81 23.69
N SER A 56 -6.22 8.44 24.04
CA SER A 56 -4.95 7.74 24.02
C SER A 56 -4.90 6.63 25.08
N SER A 57 -5.51 6.87 26.23
CA SER A 57 -5.61 5.82 27.24
C SER A 57 -6.40 4.63 26.70
N ILE A 58 -7.53 4.90 26.05
CA ILE A 58 -8.31 3.82 25.44
C ILE A 58 -7.47 3.04 24.41
N ALA A 59 -6.70 3.75 23.59
CA ALA A 59 -5.87 3.12 22.57
C ALA A 59 -4.64 2.41 23.11
N ASP A 60 -4.38 2.53 24.41
CA ASP A 60 -3.17 1.99 25.01
C ASP A 60 -1.91 2.58 24.36
N THR A 61 -1.97 3.86 23.98
CA THR A 61 -0.80 4.54 23.46
C THR A 61 -0.27 5.56 24.44
N ASN A 62 0.92 6.05 24.14
CA ASN A 62 1.69 6.87 25.05
C ASN A 62 2.05 8.17 24.37
N VAL A 63 1.14 9.13 24.51
CA VAL A 63 1.18 10.38 23.77
C VAL A 63 0.72 11.47 24.71
N LYS A 64 1.48 12.54 24.79
CA LYS A 64 1.04 13.76 25.43
CA LYS A 64 1.05 13.77 25.43
C LYS A 64 0.37 14.64 24.39
N VAL A 65 -0.83 15.13 24.72
CA VAL A 65 -1.56 16.04 23.83
C VAL A 65 -1.82 17.32 24.63
N THR A 66 -1.25 18.41 24.14
CA THR A 66 -1.29 19.71 24.80
C THR A 66 -2.09 20.69 23.95
N GLY A 67 -3.10 21.30 24.54
CA GLY A 67 -3.83 22.37 23.87
C GLY A 67 -3.33 23.71 24.33
N THR A 68 -3.26 24.68 23.41
CA THR A 68 -2.64 25.95 23.72
C THR A 68 -3.12 27.09 22.84
N ASN A 69 -3.05 28.31 23.39
CA ASN A 69 -3.27 29.52 22.63
C ASN A 69 -1.98 30.35 22.48
N SER A 70 -0.85 29.73 22.76
CA SER A 70 0.45 30.40 22.72
CA SER A 70 0.45 30.40 22.70
C SER A 70 1.39 29.75 21.71
N TYR A 71 1.91 30.55 20.79
CA TYR A 71 2.85 30.03 19.80
C TYR A 71 4.11 29.46 20.41
N GLU A 72 4.47 29.92 21.60
CA GLU A 72 5.69 29.43 22.26
C GLU A 72 5.70 27.91 22.41
N ASP A 73 4.52 27.31 22.47
CA ASP A 73 4.46 25.87 22.67
C ASP A 73 4.86 25.05 21.45
N ILE A 74 5.12 25.69 20.31
CA ILE A 74 5.61 24.97 19.13
C ILE A 74 7.13 24.79 19.13
N LYS A 75 7.81 25.36 20.12
CA LYS A 75 9.26 25.27 20.17
C LYS A 75 9.72 23.82 20.05
N GLY A 76 10.76 23.59 19.25
CA GLY A 76 11.37 22.28 19.16
C GLY A 76 10.59 21.24 18.37
N SER A 77 9.53 21.66 17.66
CA SER A 77 8.75 20.70 16.88
C SER A 77 9.55 20.04 15.77
N ASP A 78 9.34 18.74 15.60
CA ASP A 78 9.92 18.01 14.47
C ASP A 78 9.11 18.24 13.20
N VAL A 79 7.79 18.31 13.35
CA VAL A 79 6.86 18.53 12.24
C VAL A 79 5.83 19.55 12.70
N VAL A 80 5.48 20.46 11.80
CA VAL A 80 4.38 21.41 12.00
C VAL A 80 3.41 21.22 10.84
N ILE A 81 2.12 21.12 11.17
CA ILE A 81 1.06 21.01 10.16
C ILE A 81 0.05 22.15 10.35
N ILE A 82 -0.13 22.93 9.29
CA ILE A 82 -0.86 24.21 9.38
C ILE A 82 -2.21 24.12 8.69
N THR A 83 -3.26 24.25 9.50
CA THR A 83 -4.63 24.31 8.99
C THR A 83 -5.35 25.61 9.37
N ALA A 84 -4.65 26.49 10.08
CA ALA A 84 -5.25 27.75 10.49
C ALA A 84 -5.83 28.52 9.31
N GLY A 85 -7.08 28.94 9.43
CA GLY A 85 -7.72 29.66 8.34
C GLY A 85 -9.21 29.42 8.26
N LEU A 86 -9.83 30.11 7.33
CA LEU A 86 -11.26 29.92 7.00
C LEU A 86 -11.42 28.79 5.98
N THR A 87 -12.57 28.11 6.06
CA THR A 87 -12.95 27.08 5.08
C THR A 87 -13.89 27.62 4.01
N LYS A 88 -14.66 28.65 4.36
CA LYS A 88 -15.66 29.20 3.45
C LYS A 88 -15.63 30.70 3.58
N ALA A 89 -15.69 31.41 2.46
CA ALA A 89 -15.55 32.86 2.51
C ALA A 89 -16.85 33.52 2.96
N PRO A 90 -16.75 34.54 3.83
CA PRO A 90 -17.96 35.18 4.36
C PRO A 90 -18.81 35.78 3.24
N GLY A 91 -20.11 35.56 3.30
CA GLY A 91 -21.06 36.19 2.40
C GLY A 91 -21.22 35.50 1.07
N LYS A 92 -20.62 34.32 0.93
CA LYS A 92 -20.75 33.50 -0.27
C LYS A 92 -21.62 32.27 -0.03
N SER A 93 -22.38 31.86 -1.05
CA SER A 93 -23.20 30.66 -0.94
C SER A 93 -22.34 29.40 -1.07
N ASP A 94 -22.90 28.27 -0.64
CA ASP A 94 -22.24 26.98 -0.79
C ASP A 94 -22.02 26.65 -2.26
N LYS A 95 -23.04 26.88 -3.08
CA LYS A 95 -22.93 26.54 -4.50
C LYS A 95 -21.80 27.29 -5.20
N GLU A 96 -21.50 28.51 -4.77
CA GLU A 96 -20.42 29.28 -5.38
C GLU A 96 -19.11 29.18 -4.62
N TRP A 97 -18.97 28.13 -3.81
CA TRP A 97 -17.77 27.96 -3.01
C TRP A 97 -16.55 27.87 -3.94
N SER A 98 -15.52 28.64 -3.60
CA SER A 98 -14.25 28.59 -4.30
C SER A 98 -13.11 28.77 -3.31
N ARG A 99 -12.08 27.93 -3.43
CA ARG A 99 -10.90 28.09 -2.58
C ARG A 99 -10.25 29.45 -2.81
N ASP A 100 -10.40 29.99 -4.02
CA ASP A 100 -9.79 31.27 -4.35
C ASP A 100 -10.26 32.36 -3.40
N ASP A 101 -11.50 32.28 -2.98
CA ASP A 101 -12.13 33.34 -2.20
C ASP A 101 -11.57 33.41 -0.78
N LEU A 102 -10.85 32.38 -0.37
CA LEU A 102 -10.25 32.31 0.98
C LEU A 102 -8.94 33.09 1.06
N LEU A 103 -8.38 33.44 -0.10
CA LEU A 103 -7.04 34.04 -0.17
C LEU A 103 -6.80 35.25 0.76
N PRO A 104 -7.67 36.28 0.71
CA PRO A 104 -7.36 37.48 1.51
C PRO A 104 -7.50 37.26 3.03
N PHE A 105 -8.23 36.24 3.43
CA PHE A 105 -8.37 35.95 4.86
C PHE A 105 -7.21 35.12 5.35
N ASN A 106 -6.79 34.16 4.53
CA ASN A 106 -5.83 33.17 4.98
C ASN A 106 -4.36 33.54 4.73
N ALA A 107 -4.11 34.40 3.75
CA ALA A 107 -2.72 34.80 3.47
C ALA A 107 -2.06 35.47 4.68
N LYS A 108 -2.77 36.37 5.34
CA LYS A 108 -2.18 37.04 6.48
C LYS A 108 -1.89 36.07 7.61
N ILE A 109 -2.67 35.02 7.73
CA ILE A 109 -2.44 34.01 8.74
C ILE A 109 -1.12 33.28 8.46
N MET A 110 -0.89 32.94 7.20
CA MET A 110 0.36 32.26 6.83
C MET A 110 1.58 33.11 7.17
N ARG A 111 1.48 34.43 6.99
CA ARG A 111 2.58 35.30 7.32
CA ARG A 111 2.58 35.32 7.32
C ARG A 111 2.89 35.24 8.83
N GLU A 112 1.84 35.35 9.64
CA GLU A 112 2.01 35.28 11.08
C GLU A 112 2.57 33.93 11.56
N VAL A 113 2.06 32.83 11.01
CA VAL A 113 2.55 31.52 11.37
C VAL A 113 4.02 31.39 10.97
N GLY A 114 4.37 31.85 9.77
CA GLY A 114 5.76 31.82 9.33
C GLY A 114 6.70 32.54 10.27
N GLU A 115 6.32 33.72 10.74
CA GLU A 115 7.15 34.51 11.64
CA GLU A 115 7.15 34.52 11.64
C GLU A 115 7.43 33.75 12.92
N ASN A 116 6.42 33.03 13.41
CA ASN A 116 6.57 32.25 14.63
C ASN A 116 7.42 31.01 14.44
N ILE A 117 7.24 30.31 13.31
CA ILE A 117 8.10 29.19 12.99
C ILE A 117 9.58 29.62 12.90
N LYS A 118 9.81 30.78 12.29
CA LYS A 118 11.17 31.30 12.12
C LYS A 118 11.93 31.43 13.44
N LYS A 119 11.24 31.81 14.51
CA LYS A 119 11.88 31.95 15.81
C LYS A 119 11.79 30.69 16.68
N TYR A 120 10.70 29.94 16.59
CA TYR A 120 10.50 28.85 17.56
C TYR A 120 10.84 27.45 17.09
N CYS A 121 10.74 27.18 15.79
CA CYS A 121 11.04 25.84 15.30
C CYS A 121 11.51 25.84 13.85
N PRO A 122 12.62 26.53 13.58
CA PRO A 122 13.05 26.66 12.19
C PRO A 122 13.57 25.38 11.55
N ASN A 123 13.83 24.35 12.35
CA ASN A 123 14.28 23.06 11.81
C ASN A 123 13.15 22.07 11.56
N ALA A 124 11.91 22.50 11.75
CA ALA A 124 10.77 21.64 11.52
C ALA A 124 10.56 21.35 10.03
N PHE A 125 10.01 20.19 9.74
CA PHE A 125 9.36 19.93 8.44
C PHE A 125 7.95 20.49 8.53
N VAL A 126 7.58 21.34 7.59
CA VAL A 126 6.29 22.03 7.65
C VAL A 126 5.39 21.61 6.49
N ILE A 127 4.19 21.18 6.84
CA ILE A 127 3.16 20.77 5.88
C ILE A 127 2.03 21.77 6.00
N VAL A 128 1.76 22.49 4.91
CA VAL A 128 0.67 23.47 4.85
C VAL A 128 -0.56 22.79 4.26
N ILE A 129 -1.71 23.07 4.86
CA ILE A 129 -3.00 22.56 4.39
C ILE A 129 -3.93 23.71 3.99
N THR A 130 -3.86 24.82 4.72
CA THR A 130 -4.72 25.99 4.50
C THR A 130 -4.88 26.39 3.03
N ASN A 131 -6.12 26.68 2.62
CA ASN A 131 -6.43 27.07 1.25
C ASN A 131 -6.40 28.59 1.02
N PRO A 132 -6.20 29.02 -0.24
CA PRO A 132 -5.92 28.22 -1.45
C PRO A 132 -4.49 27.67 -1.43
N LEU A 133 -4.40 26.35 -1.46
CA LEU A 133 -3.21 25.66 -0.96
C LEU A 133 -1.89 26.13 -1.59
N ASP A 134 -1.82 26.16 -2.92
CA ASP A 134 -0.50 26.36 -3.55
C ASP A 134 0.09 27.73 -3.27
N VAL A 135 -0.75 28.76 -3.15
CA VAL A 135 -0.20 30.07 -2.80
C VAL A 135 -0.03 30.23 -1.29
N MET A 136 -0.86 29.58 -0.48
CA MET A 136 -0.67 29.64 0.96
C MET A 136 0.69 29.05 1.36
N VAL A 137 1.09 27.95 0.72
CA VAL A 137 2.38 27.32 1.06
CA VAL A 137 2.39 27.33 1.05
C VAL A 137 3.52 28.29 0.68
N LYS A 138 3.35 29.01 -0.42
CA LYS A 138 4.39 29.96 -0.83
C LYS A 138 4.51 31.12 0.17
N VAL A 139 3.39 31.65 0.66
CA VAL A 139 3.45 32.73 1.65
C VAL A 139 4.15 32.21 2.92
N LEU A 140 3.75 31.03 3.37
CA LEU A 140 4.37 30.44 4.55
C LEU A 140 5.88 30.30 4.36
N HIS A 141 6.28 29.71 3.23
CA HIS A 141 7.69 29.50 2.97
C HIS A 141 8.43 30.83 3.02
N GLU A 142 7.91 31.81 2.29
CA GLU A 142 8.59 33.10 2.18
C GLU A 142 8.78 33.77 3.53
N HIS A 143 7.76 33.72 4.37
CA HIS A 143 7.81 34.44 5.66
C HIS A 143 8.44 33.63 6.80
N SER A 144 8.67 32.34 6.57
CA SER A 144 9.29 31.49 7.59
C SER A 144 10.81 31.38 7.47
N GLY A 145 11.35 31.66 6.29
CA GLY A 145 12.77 31.50 6.06
C GLY A 145 13.27 30.07 5.90
N LEU A 146 12.37 29.10 5.91
CA LEU A 146 12.80 27.69 5.87
C LEU A 146 13.40 27.34 4.52
N PRO A 147 14.23 26.28 4.49
CA PRO A 147 14.76 25.77 3.22
C PRO A 147 13.63 25.26 2.34
N LYS A 148 13.81 25.32 1.03
CA LYS A 148 12.78 24.92 0.07
C LYS A 148 12.32 23.48 0.27
N ASN A 149 13.23 22.62 0.70
CA ASN A 149 12.90 21.20 0.87
C ASN A 149 12.17 20.88 2.15
N LYS A 150 12.07 21.85 3.04
CA LYS A 150 11.49 21.60 4.37
C LYS A 150 10.08 22.14 4.52
N VAL A 151 9.51 22.63 3.41
CA VAL A 151 8.13 23.08 3.38
C VAL A 151 7.45 22.48 2.16
N CYS A 152 6.22 22.02 2.34
CA CYS A 152 5.40 21.60 1.20
C CYS A 152 3.95 21.72 1.57
N GLY A 153 3.09 21.64 0.57
CA GLY A 153 1.66 21.59 0.82
C GLY A 153 1.03 20.26 0.57
N MET A 154 0.10 19.89 1.44
CA MET A 154 -0.72 18.71 1.23
C MET A 154 -1.84 19.10 0.28
N ALA A 155 -1.90 18.39 -0.85
CA ALA A 155 -3.07 18.46 -1.73
C ALA A 155 -3.13 17.21 -2.59
N GLY A 156 -2.02 16.93 -3.28
CA GLY A 156 -1.98 15.82 -4.23
C GLY A 156 -2.33 14.48 -3.63
N VAL A 157 -2.00 14.25 -2.36
CA VAL A 157 -2.31 12.97 -1.76
C VAL A 157 -3.83 12.82 -1.60
N LEU A 158 -4.48 13.94 -1.25
CA LEU A 158 -5.93 13.97 -1.15
C LEU A 158 -6.60 13.85 -2.53
N ASP A 159 -6.16 14.66 -3.48
CA ASP A 159 -6.73 14.62 -4.82
C ASP A 159 -6.51 13.22 -5.43
N SER A 160 -5.33 12.66 -5.24
CA SER A 160 -5.06 11.32 -5.73
C SER A 160 -5.89 10.25 -5.02
N SER A 161 -6.13 10.42 -3.72
CA SER A 161 -6.94 9.46 -2.98
C SER A 161 -8.34 9.42 -3.55
N ARG A 162 -8.84 10.56 -4.00
CA ARG A 162 -10.17 10.66 -4.59
C ARG A 162 -10.21 9.95 -5.93
N PHE A 163 -9.23 10.26 -6.78
CA PHE A 163 -9.13 9.63 -8.10
C PHE A 163 -9.03 8.09 -7.90
N ARG A 164 -8.16 7.68 -7.00
CA ARG A 164 -8.00 6.26 -6.68
C ARG A 164 -9.31 5.64 -6.20
N HIS A 165 -9.97 6.29 -5.25
CA HIS A 165 -11.21 5.74 -4.71
C HIS A 165 -12.24 5.55 -5.83
N PHE A 166 -12.43 6.57 -6.66
CA PHE A 166 -13.47 6.50 -7.68
C PHE A 166 -13.14 5.40 -8.71
N ILE A 167 -11.87 5.26 -9.10
CA ILE A 167 -11.47 4.22 -10.04
C ILE A 167 -11.65 2.84 -9.39
N ALA A 168 -11.16 2.68 -8.16
CA ALA A 168 -11.24 1.40 -7.46
C ALA A 168 -12.69 0.95 -7.27
N GLU A 169 -13.55 1.89 -6.94
CA GLU A 169 -14.96 1.60 -6.77
C GLU A 169 -15.59 1.09 -8.07
N LYS A 170 -15.26 1.72 -9.18
CA LYS A 170 -15.81 1.31 -10.46
C LYS A 170 -15.30 -0.06 -10.88
N LEU A 171 -14.02 -0.34 -10.65
CA LEU A 171 -13.42 -1.62 -11.01
C LEU A 171 -13.67 -2.70 -9.97
N ASN A 172 -14.17 -2.30 -8.81
CA ASN A 172 -14.43 -3.21 -7.70
C ASN A 172 -13.16 -3.93 -7.26
N VAL A 173 -12.09 -3.14 -7.09
CA VAL A 173 -10.85 -3.70 -6.55
C VAL A 173 -10.40 -2.85 -5.35
N SER A 174 -9.48 -3.40 -4.58
CA SER A 174 -8.93 -2.68 -3.43
C SER A 174 -8.23 -1.40 -3.86
N PRO A 175 -8.47 -0.30 -3.12
CA PRO A 175 -7.73 0.93 -3.49
C PRO A 175 -6.21 0.83 -3.23
N ARG A 176 -5.77 -0.09 -2.37
CA ARG A 176 -4.35 -0.35 -2.23
C ARG A 176 -3.72 -0.67 -3.59
N ASP A 177 -4.50 -1.30 -4.47
CA ASP A 177 -3.94 -1.75 -5.74
C ASP A 177 -4.23 -0.82 -6.91
N VAL A 178 -4.78 0.37 -6.62
CA VAL A 178 -4.95 1.39 -7.64
C VAL A 178 -3.96 2.52 -7.41
N GLN A 179 -3.18 2.80 -8.43
CA GLN A 179 -2.27 3.95 -8.42
C GLN A 179 -2.86 5.01 -9.34
N ALA A 180 -3.06 6.20 -8.80
CA ALA A 180 -3.56 7.30 -9.57
C ALA A 180 -2.95 8.55 -8.97
N MET A 181 -2.57 9.45 -9.83
CA MET A 181 -2.00 10.75 -9.46
C MET A 181 -2.82 11.88 -10.03
N VAL A 182 -2.94 12.94 -9.24
CA VAL A 182 -3.48 14.21 -9.68
C VAL A 182 -2.39 15.23 -9.38
N ILE A 183 -1.96 15.94 -10.43
CA ILE A 183 -0.90 16.96 -10.29
C ILE A 183 -1.42 18.35 -10.59
N GLY A 184 -0.58 19.37 -10.39
CA GLY A 184 -0.99 20.74 -10.64
C GLY A 184 -1.51 21.45 -9.41
N ALA A 185 -2.29 22.49 -9.65
CA ALA A 185 -2.90 23.28 -8.59
C ALA A 185 -3.97 22.47 -7.88
N HIS A 186 -4.17 22.76 -6.60
CA HIS A 186 -5.25 22.19 -5.86
C HIS A 186 -6.51 23.05 -6.06
N GLY A 187 -7.16 22.84 -7.19
CA GLY A 187 -8.28 23.67 -7.61
C GLY A 187 -8.90 23.11 -8.86
N ASP A 188 -9.76 23.90 -9.49
CA ASP A 188 -10.54 23.43 -10.63
C ASP A 188 -9.68 22.97 -11.81
N LYS A 189 -8.45 23.43 -11.88
CA LYS A 189 -7.56 23.03 -12.98
C LYS A 189 -6.53 21.98 -12.56
N MET A 190 -6.79 21.28 -11.45
CA MET A 190 -5.96 20.10 -11.12
C MET A 190 -6.01 19.12 -12.31
N VAL A 191 -4.97 18.32 -12.43
CA VAL A 191 -4.81 17.43 -13.58
C VAL A 191 -4.77 15.97 -13.14
N PRO A 192 -5.94 15.29 -13.17
CA PRO A 192 -5.93 13.85 -12.95
C PRO A 192 -5.27 13.13 -14.13
N LEU A 193 -4.20 12.41 -13.87
CA LEU A 193 -3.37 11.84 -14.92
C LEU A 193 -3.89 10.47 -15.34
N THR A 194 -4.91 10.46 -16.19
CA THR A 194 -5.53 9.21 -16.62
C THR A 194 -4.53 8.22 -17.24
N ARG A 195 -3.56 8.74 -17.98
CA ARG A 195 -2.60 7.85 -18.64
C ARG A 195 -1.73 7.07 -17.66
N TYR A 196 -1.55 7.59 -16.46
CA TYR A 196 -0.70 6.99 -15.46
C TYR A 196 -1.47 6.11 -14.47
N VAL A 197 -2.79 6.01 -14.62
CA VAL A 197 -3.58 5.19 -13.71
C VAL A 197 -3.25 3.73 -13.93
N THR A 198 -2.95 3.01 -12.86
CA THR A 198 -2.65 1.59 -12.97
C THR A 198 -3.34 0.80 -11.86
N VAL A 199 -3.53 -0.48 -12.15
CA VAL A 199 -4.02 -1.44 -11.19
C VAL A 199 -2.89 -2.44 -11.00
N ASN A 200 -2.17 -2.30 -9.89
CA ASN A 200 -0.94 -3.05 -9.67
C ASN A 200 0.03 -2.98 -10.86
N GLY A 201 0.16 -1.79 -11.44
CA GLY A 201 1.04 -1.58 -12.58
C GLY A 201 0.41 -1.87 -13.94
N ILE A 202 -0.77 -2.50 -13.95
CA ILE A 202 -1.49 -2.75 -15.20
C ILE A 202 -2.15 -1.47 -15.68
N PRO A 203 -1.85 -1.02 -16.90
CA PRO A 203 -2.49 0.21 -17.37
C PRO A 203 -4.01 0.16 -17.35
N LEU A 204 -4.62 1.26 -16.88
CA LEU A 204 -6.07 1.38 -16.95
C LEU A 204 -6.63 1.07 -18.34
N GLN A 205 -5.88 1.40 -19.39
CA GLN A 205 -6.33 1.15 -20.76
C GLN A 205 -6.70 -0.32 -21.00
N GLU A 206 -6.02 -1.24 -20.31
CA GLU A 206 -6.32 -2.65 -20.50
C GLU A 206 -7.73 -2.96 -20.04
N PHE A 207 -8.16 -2.28 -18.97
CA PHE A 207 -9.49 -2.47 -18.44
C PHE A 207 -10.53 -1.84 -19.36
N ILE A 208 -10.16 -0.76 -20.04
CA ILE A 208 -11.05 -0.15 -21.02
C ILE A 208 -11.23 -1.12 -22.17
N LYS A 209 -10.13 -1.66 -22.66
CA LYS A 209 -10.18 -2.52 -23.84
C LYS A 209 -11.05 -3.73 -23.57
N LYS A 210 -11.07 -4.21 -22.34
CA LYS A 210 -11.90 -5.35 -21.96
C LYS A 210 -13.31 -4.96 -21.54
N GLY A 211 -13.63 -3.68 -21.61
CA GLY A 211 -14.97 -3.23 -21.30
C GLY A 211 -15.30 -3.32 -19.81
N ARG A 212 -14.30 -3.31 -18.95
CA ARG A 212 -14.53 -3.26 -17.51
C ARG A 212 -14.89 -1.83 -17.06
N ILE A 213 -14.50 -0.85 -17.87
CA ILE A 213 -14.78 0.55 -17.59
C ILE A 213 -14.76 1.25 -18.96
N THR A 214 -15.57 2.28 -19.16
CA THR A 214 -15.58 2.97 -20.44
C THR A 214 -14.86 4.29 -20.35
N GLN A 215 -14.48 4.84 -21.49
CA GLN A 215 -13.85 6.14 -21.54
C GLN A 215 -14.77 7.20 -20.94
N GLU A 216 -16.06 7.06 -21.21
CA GLU A 216 -17.03 7.99 -20.69
C GLU A 216 -17.07 7.96 -19.17
N GLU A 217 -16.97 6.75 -18.61
CA GLU A 217 -16.94 6.60 -17.16
C GLU A 217 -15.67 7.21 -16.58
N ILE A 218 -14.54 7.04 -17.27
CA ILE A 218 -13.29 7.63 -16.80
C ILE A 218 -13.38 9.15 -16.86
N ASP A 219 -13.88 9.69 -17.96
CA ASP A 219 -14.09 11.13 -18.09
C ASP A 219 -14.93 11.69 -16.94
N GLU A 220 -15.99 10.97 -16.58
CA GLU A 220 -16.86 11.38 -15.48
C GLU A 220 -16.08 11.39 -14.16
N ILE A 221 -15.25 10.37 -13.97
CA ILE A 221 -14.44 10.26 -12.75
C ILE A 221 -13.41 11.37 -12.68
N VAL A 222 -12.85 11.75 -13.82
CA VAL A 222 -11.88 12.83 -13.85
C VAL A 222 -12.56 14.12 -13.37
N GLU A 223 -13.76 14.39 -13.86
CA GLU A 223 -14.48 15.59 -13.48
C GLU A 223 -14.90 15.49 -12.02
N ARG A 224 -15.33 14.30 -11.60
CA ARG A 224 -15.75 14.13 -10.22
C ARG A 224 -14.59 14.39 -9.23
N THR A 225 -13.40 13.99 -9.63
CA THR A 225 -12.19 14.22 -8.83
C THR A 225 -11.94 15.73 -8.69
N LYS A 226 -12.00 16.45 -9.80
CA LYS A 226 -11.84 17.92 -9.77
C LYS A 226 -12.87 18.57 -8.86
N ASN A 227 -14.12 18.10 -8.93
CA ASN A 227 -15.21 18.74 -8.21
C ASN A 227 -15.43 18.23 -6.79
N ALA A 228 -14.58 17.33 -6.33
CA ALA A 228 -14.86 16.58 -5.11
C ALA A 228 -14.96 17.47 -3.87
N GLY A 229 -14.10 18.47 -3.78
CA GLY A 229 -14.12 19.37 -2.62
C GLY A 229 -15.42 20.12 -2.50
N GLY A 230 -15.87 20.67 -3.62
CA GLY A 230 -17.10 21.42 -3.67
C GLY A 230 -18.30 20.51 -3.46
N GLU A 231 -18.20 19.27 -3.93
CA GLU A 231 -19.27 18.29 -3.73
C GLU A 231 -19.48 18.08 -2.23
N ILE A 232 -18.40 17.91 -1.49
CA ILE A 232 -18.48 17.66 -0.06
C ILE A 232 -18.95 18.92 0.68
N VAL A 233 -18.45 20.08 0.29
CA VAL A 233 -18.95 21.34 0.86
C VAL A 233 -20.46 21.44 0.73
N ASN A 234 -20.99 21.14 -0.44
CA ASN A 234 -22.42 21.24 -0.68
C ASN A 234 -23.22 20.25 0.17
N LEU A 235 -22.71 19.02 0.31
CA LEU A 235 -23.40 18.01 1.08
C LEU A 235 -23.34 18.28 2.59
N LEU A 236 -22.17 18.67 3.09
CA LEU A 236 -22.01 18.83 4.53
C LEU A 236 -22.81 20.02 5.08
N GLY A 237 -22.89 21.11 4.33
CA GLY A 237 -23.54 22.33 4.80
C GLY A 237 -22.70 23.21 5.71
N GLN A 238 -21.82 22.60 6.51
CA GLN A 238 -20.89 23.30 7.38
C GLN A 238 -19.47 22.86 7.05
N GLY A 239 -18.59 23.82 6.86
CA GLY A 239 -17.19 23.52 6.62
C GLY A 239 -16.94 22.72 5.34
N SER A 240 -15.86 21.96 5.38
CA SER A 240 -15.39 21.23 4.24
C SER A 240 -14.79 19.90 4.70
N ALA A 241 -14.25 19.14 3.76
CA ALA A 241 -13.72 17.81 4.04
C ALA A 241 -12.64 17.87 5.11
N TYR A 242 -12.57 16.85 5.94
CA TYR A 242 -11.53 16.79 6.96
C TYR A 242 -10.94 15.42 7.26
N PHE A 243 -11.69 14.33 7.09
CA PHE A 243 -11.17 13.03 7.39
C PHE A 243 -10.02 12.65 6.45
N ALA A 244 -10.25 12.82 5.16
CA ALA A 244 -9.21 12.48 4.19
C ALA A 244 -8.07 13.52 4.14
N PRO A 245 -8.38 14.83 4.23
CA PRO A 245 -7.28 15.79 4.38
C PRO A 245 -6.35 15.44 5.56
N ALA A 246 -6.94 15.15 6.71
CA ALA A 246 -6.13 14.79 7.88
C ALA A 246 -5.23 13.59 7.62
N ALA A 247 -5.82 12.53 7.07
CA ALA A 247 -5.07 11.31 6.81
C ALA A 247 -3.96 11.54 5.79
N SER A 248 -4.24 12.37 4.79
CA SER A 248 -3.23 12.71 3.79
C SER A 248 -2.01 13.38 4.39
N ALA A 249 -2.26 14.36 5.24
CA ALA A 249 -1.17 15.12 5.81
C ALA A 249 -0.37 14.23 6.76
N ILE A 250 -1.05 13.36 7.51
CA ILE A 250 -0.35 12.48 8.42
C ILE A 250 0.49 11.46 7.65
N GLU A 251 0.00 11.01 6.50
CA GLU A 251 0.81 10.13 5.67
C GLU A 251 2.12 10.81 5.28
N MET A 252 2.04 12.09 4.93
CA MET A 252 3.24 12.85 4.60
C MET A 252 4.16 13.01 5.81
N ALA A 253 3.57 13.31 6.95
CA ALA A 253 4.33 13.48 8.18
C ALA A 253 5.07 12.19 8.54
N GLU A 254 4.41 11.05 8.40
CA GLU A 254 5.03 9.75 8.68
C GLU A 254 6.21 9.51 7.76
N ALA A 255 6.07 9.89 6.50
CA ALA A 255 7.14 9.69 5.54
C ALA A 255 8.40 10.45 5.99
N TYR A 256 8.21 11.65 6.53
CA TYR A 256 9.32 12.41 7.06
C TYR A 256 9.88 11.80 8.34
N LEU A 257 8.99 11.54 9.30
CA LEU A 257 9.43 11.12 10.64
C LEU A 257 10.19 9.80 10.65
N LYS A 258 9.84 8.90 9.71
CA LYS A 258 10.51 7.60 9.65
C LYS A 258 11.29 7.40 8.35
N ASP A 259 11.54 8.51 7.66
CA ASP A 259 12.42 8.50 6.49
C ASP A 259 12.00 7.41 5.51
N LYS A 260 10.74 7.43 5.10
CA LYS A 260 10.16 6.30 4.38
C LYS A 260 10.45 6.30 2.87
N LYS A 261 10.79 7.45 2.31
CA LYS A 261 11.02 7.60 0.87
C LYS A 261 9.75 7.24 0.10
N ARG A 262 8.63 7.77 0.56
CA ARG A 262 7.36 7.59 -0.14
C ARG A 262 7.33 8.44 -1.40
N VAL A 263 6.67 7.95 -2.43
CA VAL A 263 6.40 8.71 -3.65
C VAL A 263 4.98 9.27 -3.53
N LEU A 264 4.89 10.56 -3.25
CA LEU A 264 3.63 11.22 -2.94
C LEU A 264 3.53 12.50 -3.73
N VAL A 265 2.36 12.79 -4.28
CA VAL A 265 2.16 14.06 -4.95
C VAL A 265 1.89 15.15 -3.91
N CYS A 266 2.75 16.17 -3.87
CA CYS A 266 2.63 17.25 -2.90
C CYS A 266 2.91 18.58 -3.61
N SER A 267 2.50 19.69 -3.03
CA SER A 267 2.79 21.00 -3.58
C SER A 267 4.21 21.38 -3.15
N CYS A 268 5.13 21.38 -4.11
CA CYS A 268 6.56 21.49 -3.84
C CYS A 268 7.15 22.70 -4.56
N TYR A 269 8.23 23.24 -3.99
CA TYR A 269 8.94 24.36 -4.60
C TYR A 269 9.68 23.87 -5.84
N LEU A 270 9.35 24.44 -7.00
CA LEU A 270 9.99 24.06 -8.25
C LEU A 270 11.19 24.91 -8.56
N GLU A 271 12.21 24.27 -9.12
CA GLU A 271 13.47 24.90 -9.46
C GLU A 271 13.83 24.50 -10.89
N GLY A 272 12.86 24.55 -11.78
CA GLY A 272 13.09 24.34 -13.19
C GLY A 272 12.39 23.11 -13.75
N GLN A 273 11.98 22.19 -12.87
CA GLN A 273 11.26 21.00 -13.34
C GLN A 273 10.00 21.43 -14.06
N TYR A 274 9.66 20.72 -15.14
CA TYR A 274 8.48 21.04 -15.96
C TYR A 274 8.61 22.41 -16.62
N GLY A 275 9.80 23.00 -16.55
CA GLY A 275 10.03 24.31 -17.14
C GLY A 275 9.53 25.46 -16.30
N HIS A 276 9.29 25.21 -15.01
CA HIS A 276 8.77 26.22 -14.10
C HIS A 276 9.66 26.39 -12.89
N LYS A 277 9.67 27.57 -12.29
CA LYS A 277 10.49 27.81 -11.10
C LYS A 277 9.85 28.80 -10.15
N ASP A 278 10.17 28.63 -8.88
CA ASP A 278 9.91 29.61 -7.82
C ASP A 278 8.47 29.70 -7.35
N MET A 279 7.65 28.74 -7.74
CA MET A 279 6.31 28.56 -7.19
C MET A 279 6.22 27.17 -6.58
N PHE A 280 5.23 27.01 -5.71
CA PHE A 280 4.80 25.70 -5.26
C PHE A 280 3.65 25.23 -6.14
N VAL A 281 3.72 23.97 -6.56
CA VAL A 281 2.61 23.38 -7.29
C VAL A 281 2.69 21.86 -7.13
N GLY A 282 1.57 21.18 -7.33
CA GLY A 282 1.49 19.75 -7.12
C GLY A 282 2.29 18.90 -8.11
N VAL A 283 3.25 18.16 -7.60
CA VAL A 283 4.09 17.27 -8.39
C VAL A 283 4.43 16.02 -7.59
N PRO A 284 4.69 14.90 -8.27
CA PRO A 284 5.19 13.73 -7.54
C PRO A 284 6.56 14.03 -6.94
N ALA A 285 6.75 13.56 -5.72
CA ALA A 285 7.99 13.81 -5.00
C ALA A 285 8.33 12.61 -4.14
N VAL A 286 9.60 12.49 -3.78
CA VAL A 286 10.05 11.53 -2.80
C VAL A 286 10.18 12.26 -1.48
N ILE A 287 9.44 11.77 -0.48
CA ILE A 287 9.39 12.37 0.85
C ILE A 287 10.13 11.45 1.85
N GLY A 288 11.09 12.02 2.56
CA GLY A 288 11.85 11.29 3.56
C GLY A 288 12.38 12.21 4.62
N GLY A 289 13.41 11.76 5.32
CA GLY A 289 13.95 12.53 6.44
C GLY A 289 14.58 13.86 6.09
N ASN A 290 14.84 14.09 4.80
CA ASN A 290 15.27 15.42 4.35
C ASN A 290 14.14 16.23 3.73
N GLY A 291 12.91 15.84 4.00
CA GLY A 291 11.75 16.57 3.53
C GLY A 291 11.43 16.18 2.10
N VAL A 292 11.30 17.17 1.23
CA VAL A 292 11.08 16.93 -0.19
C VAL A 292 12.46 16.62 -0.77
N GLU A 293 12.76 15.33 -0.88
CA GLU A 293 14.10 14.90 -1.25
C GLU A 293 14.33 15.00 -2.74
N LYS A 294 13.27 14.83 -3.50
CA LYS A 294 13.36 14.90 -4.97
C LYS A 294 11.98 15.19 -5.55
N VAL A 295 11.92 16.14 -6.48
CA VAL A 295 10.74 16.31 -7.33
C VAL A 295 10.93 15.42 -8.56
N ILE A 296 9.94 14.58 -8.84
CA ILE A 296 10.00 13.72 -10.01
C ILE A 296 9.39 14.46 -11.19
N GLU A 297 10.14 14.54 -12.27
CA GLU A 297 9.66 15.13 -13.53
C GLU A 297 9.11 14.05 -14.46
N LEU A 298 7.78 13.96 -14.53
CA LEU A 298 7.13 13.00 -15.39
C LEU A 298 7.37 13.31 -16.87
N GLU A 299 7.44 12.26 -17.68
CA GLU A 299 7.55 12.40 -19.12
C GLU A 299 6.15 12.66 -19.70
N LEU A 300 5.63 13.84 -19.42
CA LEU A 300 4.29 14.22 -19.86
C LEU A 300 4.22 14.34 -21.38
N THR A 301 3.07 13.97 -21.96
CA THR A 301 2.82 14.24 -23.38
C THR A 301 2.57 15.73 -23.58
N PRO A 302 2.64 16.21 -24.84
CA PRO A 302 2.34 17.63 -25.09
C PRO A 302 0.99 18.04 -24.50
N GLU A 303 0.00 17.17 -24.63
CA GLU A 303 -1.33 17.46 -24.13
C GLU A 303 -1.37 17.56 -22.60
N GLU A 304 -0.72 16.62 -21.93
CA GLU A 304 -0.61 16.65 -20.47
C GLU A 304 0.19 17.86 -20.02
N LYS A 305 1.26 18.17 -20.75
CA LYS A 305 2.09 19.32 -20.40
C LYS A 305 1.29 20.62 -20.50
N GLU A 306 0.42 20.73 -21.50
CA GLU A 306 -0.43 21.91 -21.64
C GLU A 306 -1.43 22.01 -20.48
N LEU A 307 -2.05 20.90 -20.10
CA LEU A 307 -2.92 20.89 -18.91
C LEU A 307 -2.16 21.33 -17.65
N PHE A 308 -0.95 20.83 -17.46
CA PHE A 308 -0.14 21.21 -16.31
C PHE A 308 0.21 22.70 -16.36
N ASP A 309 0.59 23.21 -17.53
CA ASP A 309 0.97 24.62 -17.66
C ASP A 309 -0.24 25.52 -17.37
N LYS A 310 -1.42 25.11 -17.80
CA LYS A 310 -2.62 25.88 -17.49
C LYS A 310 -2.90 25.84 -15.99
N SER A 311 -2.59 24.72 -15.35
CA SER A 311 -2.75 24.60 -13.91
C SER A 311 -1.79 25.54 -13.18
N VAL A 312 -0.52 25.53 -13.59
CA VAL A 312 0.47 26.45 -13.04
C VAL A 312 0.06 27.91 -13.25
N GLU A 313 -0.55 28.21 -14.40
CA GLU A 313 -1.01 29.57 -14.67
C GLU A 313 -2.10 30.01 -13.69
N GLU A 314 -2.93 29.09 -13.22
CA GLU A 314 -3.91 29.46 -12.20
C GLU A 314 -3.23 29.89 -10.89
N VAL A 315 -2.16 29.20 -10.55
CA VAL A 315 -1.38 29.56 -9.36
C VAL A 315 -0.75 30.94 -9.56
N ARG A 316 -0.19 31.20 -10.74
CA ARG A 316 0.37 32.51 -11.05
C ARG A 316 -0.65 33.65 -10.88
N LYS A 317 -1.89 33.40 -11.34
CA LYS A 317 -2.93 34.42 -11.23
C LYS A 317 -3.26 34.71 -9.76
N LEU A 318 -3.38 33.66 -8.94
CA LEU A 318 -3.59 33.86 -7.50
C LEU A 318 -2.41 34.60 -6.87
N GLN A 319 -1.20 34.30 -7.32
CA GLN A 319 -0.03 34.96 -6.78
C GLN A 319 -0.08 36.47 -7.02
N LYS A 320 -0.73 36.91 -8.10
CA LYS A 320 -0.90 38.34 -8.32
C LYS A 320 -1.70 38.99 -7.19
N ALA A 321 -2.67 38.27 -6.66
CA ALA A 321 -3.49 38.78 -5.59
C ALA A 321 -2.65 38.85 -4.31
N ILE A 322 -1.83 37.83 -4.07
CA ILE A 322 -0.91 37.83 -2.93
C ILE A 322 -0.04 39.09 -2.99
N LYS A 323 0.56 39.35 -4.13
CA LYS A 323 1.39 40.52 -4.28
C LYS A 323 0.61 41.79 -3.98
N ALA A 324 -0.61 41.87 -4.49
CA ALA A 324 -1.45 43.06 -4.35
C ALA A 324 -1.88 43.32 -2.91
N LEU A 325 -1.86 42.28 -2.07
CA LEU A 325 -2.20 42.43 -0.66
C LEU A 325 -1.01 42.92 0.17
N GLY A 326 0.16 42.99 -0.44
CA GLY A 326 1.35 43.41 0.27
C GLY A 326 1.97 42.26 1.04
N LEU A 327 1.75 41.02 0.58
CA LEU A 327 2.22 39.83 1.31
C LEU A 327 3.38 39.08 0.64
N GLU A 328 4.00 39.70 -0.35
CA GLU A 328 5.28 39.20 -0.85
C GLU A 328 6.43 39.85 -0.09
N MET B 5 -23.69 -17.44 18.32
CA MET B 5 -22.87 -16.27 18.06
C MET B 5 -22.18 -16.42 16.72
N THR B 6 -21.57 -15.35 16.26
CA THR B 6 -20.67 -15.42 15.11
C THR B 6 -19.29 -15.66 15.66
N LYS B 7 -18.75 -16.85 15.40
CA LYS B 7 -17.47 -17.23 15.97
C LYS B 7 -16.32 -16.49 15.31
N ARG B 8 -15.20 -16.43 16.00
CA ARG B 8 -13.95 -16.00 15.39
C ARG B 8 -13.68 -16.80 14.15
N LYS B 9 -12.98 -16.19 13.21
CA LYS B 9 -12.48 -16.94 12.07
C LYS B 9 -11.56 -18.06 12.58
N LYS B 10 -11.49 -19.13 11.80
CA LYS B 10 -10.66 -20.29 12.13
C LYS B 10 -9.74 -20.59 10.96
N ILE B 11 -8.44 -20.62 11.26
CA ILE B 11 -7.41 -20.83 10.26
C ILE B 11 -6.60 -22.06 10.63
N SER B 12 -6.63 -23.07 9.77
CA SER B 12 -5.86 -24.30 9.99
C SER B 12 -4.62 -24.29 9.12
N LEU B 13 -3.48 -24.55 9.75
CA LEU B 13 -2.19 -24.60 9.09
C LEU B 13 -1.73 -26.05 9.06
N ILE B 14 -1.83 -26.65 7.89
CA ILE B 14 -1.48 -28.05 7.70
C ILE B 14 0.00 -28.12 7.36
N GLY B 15 0.79 -28.48 8.37
CA GLY B 15 2.23 -28.30 8.36
C GLY B 15 2.63 -27.25 9.36
N SER B 16 3.42 -27.64 10.37
CA SER B 16 3.75 -26.75 11.48
C SER B 16 5.26 -26.55 11.59
N GLY B 17 5.93 -26.57 10.44
CA GLY B 17 7.36 -26.32 10.38
C GLY B 17 7.62 -24.83 10.32
N MET B 18 8.69 -24.44 9.63
CA MET B 18 9.11 -23.05 9.66
C MET B 18 8.06 -22.08 9.12
N ILE B 19 7.51 -22.37 7.95
CA ILE B 19 6.52 -21.48 7.39
C ILE B 19 5.21 -21.54 8.21
N GLY B 20 4.78 -22.73 8.61
CA GLY B 20 3.55 -22.88 9.37
C GLY B 20 3.59 -22.12 10.68
N GLY B 21 4.66 -22.30 11.44
CA GLY B 21 4.81 -21.59 12.69
C GLY B 21 4.86 -20.08 12.51
N THR B 22 5.57 -19.63 11.50
CA THR B 22 5.66 -18.20 11.20
C THR B 22 4.29 -17.61 10.84
N MET B 23 3.52 -18.32 10.01
CA MET B 23 2.16 -17.88 9.70
C MET B 23 1.27 -17.79 10.94
N ALA B 24 1.38 -18.77 11.82
CA ALA B 24 0.65 -18.75 13.08
C ALA B 24 1.00 -17.50 13.89
N TYR B 25 2.27 -17.11 13.89
CA TYR B 25 2.72 -15.92 14.63
C TYR B 25 2.07 -14.67 14.05
N LEU B 26 2.01 -14.58 12.72
CA LEU B 26 1.32 -13.45 12.08
C LEU B 26 -0.15 -13.42 12.45
N CYS B 27 -0.79 -14.59 12.48
CA CYS B 27 -2.20 -14.67 12.87
C CYS B 27 -2.38 -14.14 14.29
N ALA B 28 -1.44 -14.48 15.17
CA ALA B 28 -1.51 -14.07 16.57
C ALA B 28 -1.29 -12.56 16.68
N GLN B 29 -0.28 -12.05 15.96
CA GLN B 29 0.01 -10.62 15.98
C GLN B 29 -1.12 -9.79 15.42
N LYS B 30 -1.76 -10.31 14.37
CA LYS B 30 -2.77 -9.55 13.65
C LYS B 30 -4.17 -9.85 14.14
N GLU B 31 -4.29 -10.79 15.08
CA GLU B 31 -5.57 -11.20 15.63
C GLU B 31 -6.51 -11.62 14.50
N LEU B 32 -6.01 -12.42 13.57
CA LEU B 32 -6.82 -12.75 12.39
C LEU B 32 -7.95 -13.74 12.68
N GLY B 33 -7.67 -14.64 13.61
CA GLY B 33 -8.59 -15.71 13.94
C GLY B 33 -7.88 -16.71 14.83
N ASP B 34 -8.64 -17.67 15.33
CA ASP B 34 -8.05 -18.80 16.02
C ASP B 34 -7.27 -19.65 15.03
N VAL B 35 -6.23 -20.30 15.53
CA VAL B 35 -5.29 -21.04 14.72
C VAL B 35 -5.15 -22.48 15.18
N VAL B 36 -5.22 -23.40 14.21
CA VAL B 36 -4.88 -24.80 14.44
C VAL B 36 -3.59 -25.12 13.70
N LEU B 37 -2.57 -25.57 14.42
CA LEU B 37 -1.30 -25.99 13.87
C LEU B 37 -1.29 -27.50 13.83
N PHE B 38 -1.42 -28.06 12.64
CA PHE B 38 -1.41 -29.51 12.45
C PHE B 38 -0.05 -29.96 11.89
N ASP B 39 0.44 -31.09 12.38
CA ASP B 39 1.62 -31.72 11.80
C ASP B 39 1.55 -33.21 12.07
N VAL B 40 2.29 -34.00 11.31
CA VAL B 40 2.39 -35.43 11.59
C VAL B 40 3.35 -35.70 12.73
N VAL B 41 4.28 -34.78 12.98
CA VAL B 41 5.24 -34.93 14.08
C VAL B 41 4.56 -34.70 15.42
N LYS B 42 4.72 -35.65 16.33
CA LYS B 42 4.09 -35.54 17.65
C LYS B 42 4.76 -34.48 18.52
N ASN B 43 3.96 -33.79 19.32
CA ASN B 43 4.43 -32.86 20.37
C ASN B 43 4.88 -31.49 19.86
N MET B 44 5.56 -31.46 18.72
CA MET B 44 6.12 -30.23 18.20
C MET B 44 5.08 -29.13 17.95
N PRO B 45 3.96 -29.45 17.27
CA PRO B 45 3.03 -28.33 17.10
C PRO B 45 2.39 -27.88 18.41
N GLN B 46 2.27 -28.80 19.35
CA GLN B 46 1.76 -28.46 20.67
C GLN B 46 2.73 -27.51 21.39
N GLY B 47 4.03 -27.75 21.23
CA GLY B 47 5.04 -26.87 21.82
C GLY B 47 4.98 -25.48 21.22
N LYS B 48 4.95 -25.40 19.89
CA LYS B 48 4.88 -24.14 19.22
C LYS B 48 3.60 -23.41 19.60
N ALA B 49 2.49 -24.14 19.71
CA ALA B 49 1.22 -23.54 20.04
C ALA B 49 1.27 -22.89 21.41
N LEU B 50 1.92 -23.53 22.38
CA LEU B 50 2.05 -22.92 23.70
C LEU B 50 2.85 -21.62 23.61
N ASP B 51 4.00 -21.66 22.93
CA ASP B 51 4.86 -20.50 22.76
C ASP B 51 4.09 -19.36 22.09
N LEU B 52 3.33 -19.71 21.05
CA LEU B 52 2.54 -18.73 20.33
C LEU B 52 1.42 -18.15 21.21
N SER B 53 0.82 -18.97 22.06
CA SER B 53 -0.23 -18.50 22.94
C SER B 53 0.34 -17.48 23.93
N HIS B 54 1.54 -17.75 24.43
CA HIS B 54 2.18 -16.78 25.32
C HIS B 54 2.43 -15.48 24.59
N SER B 55 2.84 -15.59 23.32
CA SER B 55 3.09 -14.38 22.54
C SER B 55 1.82 -13.56 22.30
N SER B 56 0.66 -14.21 22.20
CA SER B 56 -0.60 -13.49 22.00
CA SER B 56 -0.59 -13.49 22.01
C SER B 56 -0.91 -12.66 23.25
N SER B 57 -0.55 -13.17 24.42
CA SER B 57 -0.75 -12.40 25.65
C SER B 57 0.11 -11.15 25.63
N ILE B 58 1.36 -11.29 25.20
CA ILE B 58 2.26 -10.14 25.08
C ILE B 58 1.69 -9.12 24.09
N ALA B 59 1.16 -9.61 22.98
CA ALA B 59 0.59 -8.73 21.95
C ALA B 59 -0.77 -8.13 22.32
N ASP B 60 -1.34 -8.52 23.45
CA ASP B 60 -2.68 -8.07 23.85
C ASP B 60 -3.71 -8.45 22.79
N THR B 61 -3.54 -9.61 22.16
CA THR B 61 -4.54 -10.09 21.22
C THR B 61 -5.28 -11.28 21.79
N ASN B 62 -6.34 -11.67 21.11
CA ASN B 62 -7.31 -12.64 21.60
C ASN B 62 -7.47 -13.74 20.58
N VAL B 63 -6.61 -14.75 20.69
CA VAL B 63 -6.46 -15.79 19.69
C VAL B 63 -6.17 -17.09 20.40
N LYS B 64 -6.92 -18.13 20.07
CA LYS B 64 -6.59 -19.47 20.54
CA LYS B 64 -6.59 -19.47 20.54
C LYS B 64 -5.66 -20.11 19.53
N VAL B 65 -4.58 -20.73 20.00
CA VAL B 65 -3.64 -21.42 19.14
C VAL B 65 -3.53 -22.83 19.68
N THR B 66 -3.97 -23.78 18.86
CA THR B 66 -4.04 -25.18 19.22
C THR B 66 -3.06 -25.97 18.36
N GLY B 67 -2.26 -26.83 18.97
CA GLY B 67 -1.44 -27.77 18.23
C GLY B 67 -2.10 -29.14 18.19
N THR B 68 -1.97 -29.83 17.07
CA THR B 68 -2.65 -31.11 16.91
C THR B 68 -1.95 -32.03 15.93
N ASN B 69 -2.16 -33.33 16.13
CA ASN B 69 -1.77 -34.35 15.17
C ASN B 69 -3.00 -35.04 14.56
N SER B 70 -4.17 -34.43 14.74
CA SER B 70 -5.42 -35.00 14.26
CA SER B 70 -5.43 -35.01 14.25
C SER B 70 -6.13 -34.11 13.24
N TYR B 71 -6.39 -34.65 12.06
CA TYR B 71 -7.07 -33.91 11.01
C TYR B 71 -8.45 -33.45 11.44
N GLU B 72 -9.10 -34.18 12.33
CA GLU B 72 -10.46 -33.84 12.74
C GLU B 72 -10.53 -32.40 13.27
N ASP B 73 -9.42 -31.91 13.81
CA ASP B 73 -9.38 -30.58 14.40
C ASP B 73 -9.42 -29.42 13.39
N ILE B 74 -9.38 -29.73 12.10
CA ILE B 74 -9.52 -28.69 11.08
C ILE B 74 -10.98 -28.44 10.70
N LYS B 75 -11.89 -29.17 11.32
CA LYS B 75 -13.32 -29.02 11.04
C LYS B 75 -13.75 -27.56 11.17
N GLY B 76 -14.51 -27.09 10.20
CA GLY B 76 -15.06 -25.74 10.24
C GLY B 76 -14.08 -24.62 9.96
N SER B 77 -12.92 -24.95 9.39
CA SER B 77 -11.93 -23.92 9.07
C SER B 77 -12.41 -22.98 7.96
N ASP B 78 -12.22 -21.69 8.15
CA ASP B 78 -12.52 -20.71 7.12
C ASP B 78 -11.43 -20.72 6.06
N VAL B 79 -10.19 -20.87 6.50
CA VAL B 79 -9.02 -20.91 5.63
C VAL B 79 -8.14 -22.06 6.07
N VAL B 80 -7.54 -22.74 5.10
CA VAL B 80 -6.54 -23.76 5.32
C VAL B 80 -5.32 -23.40 4.49
N ILE B 81 -4.16 -23.39 5.13
CA ILE B 81 -2.89 -23.11 4.45
C ILE B 81 -1.96 -24.32 4.59
N ILE B 82 -1.49 -24.85 3.47
CA ILE B 82 -0.78 -26.14 3.44
C ILE B 82 0.71 -25.96 3.14
N THR B 83 1.54 -26.36 4.11
CA THR B 83 2.98 -26.38 3.93
C THR B 83 3.56 -27.77 4.14
N ALA B 84 2.69 -28.76 4.40
CA ALA B 84 3.13 -30.13 4.63
C ALA B 84 3.99 -30.62 3.47
N GLY B 85 5.21 -31.08 3.78
CA GLY B 85 6.10 -31.57 2.75
C GLY B 85 7.58 -31.32 3.06
N LEU B 86 8.43 -31.79 2.16
CA LEU B 86 9.87 -31.66 2.28
C LEU B 86 10.37 -30.38 1.60
N THR B 87 11.44 -29.76 2.16
CA THR B 87 12.00 -28.54 1.59
C THR B 87 13.18 -28.77 0.64
N LYS B 88 13.96 -29.82 0.92
CA LYS B 88 15.17 -30.13 0.16
C LYS B 88 15.25 -31.64 -0.01
N ALA B 89 15.43 -32.10 -1.25
CA ALA B 89 15.53 -33.52 -1.53
C ALA B 89 16.79 -34.11 -0.88
N PRO B 90 16.72 -35.38 -0.43
CA PRO B 90 17.77 -36.02 0.38
C PRO B 90 19.21 -35.88 -0.13
N GLY B 91 19.53 -36.49 -1.26
CA GLY B 91 20.92 -36.62 -1.69
C GLY B 91 21.41 -35.57 -2.65
N LYS B 92 21.01 -34.31 -2.45
CA LYS B 92 21.43 -33.22 -3.32
C LYS B 92 22.12 -32.13 -2.51
N SER B 93 23.07 -31.45 -3.12
CA SER B 93 23.77 -30.35 -2.48
C SER B 93 22.91 -29.09 -2.55
N ASP B 94 23.35 -28.03 -1.87
CA ASP B 94 22.59 -26.78 -1.84
C ASP B 94 22.56 -26.09 -3.20
N LYS B 95 23.71 -26.04 -3.88
CA LYS B 95 23.81 -25.30 -5.13
C LYS B 95 22.97 -25.93 -6.25
N GLU B 96 22.71 -27.23 -6.13
CA GLU B 96 21.91 -27.94 -7.13
C GLU B 96 20.47 -28.13 -6.67
N TRP B 97 20.08 -27.41 -5.62
CA TRP B 97 18.72 -27.48 -5.10
C TRP B 97 17.71 -27.13 -6.21
N SER B 98 16.67 -27.95 -6.33
CA SER B 98 15.60 -27.71 -7.29
C SER B 98 14.26 -28.09 -6.68
N ARG B 99 13.26 -27.22 -6.85
CA ARG B 99 11.91 -27.53 -6.41
C ARG B 99 11.37 -28.78 -7.11
N ASP B 100 11.86 -29.07 -8.32
CA ASP B 100 11.40 -30.21 -9.10
C ASP B 100 11.66 -31.54 -8.40
N ASP B 101 12.75 -31.64 -7.66
CA ASP B 101 13.13 -32.88 -7.01
C ASP B 101 12.19 -33.25 -5.84
N LEU B 102 11.40 -32.28 -5.39
CA LEU B 102 10.48 -32.49 -4.26
C LEU B 102 9.19 -33.22 -4.68
N LEU B 103 8.97 -33.34 -5.99
CA LEU B 103 7.70 -33.87 -6.53
C LEU B 103 7.31 -35.27 -6.00
N PRO B 104 8.24 -36.25 -6.07
CA PRO B 104 7.86 -37.60 -5.64
C PRO B 104 7.48 -37.66 -4.17
N PHE B 105 8.11 -36.80 -3.38
CA PHE B 105 7.96 -36.85 -1.93
C PHE B 105 6.64 -36.22 -1.49
N ASN B 106 6.22 -35.18 -2.20
CA ASN B 106 5.19 -34.29 -1.71
C ASN B 106 3.80 -34.53 -2.34
N ALA B 107 3.74 -35.17 -3.51
CA ALA B 107 2.45 -35.39 -4.18
C ALA B 107 1.48 -36.25 -3.36
N LYS B 108 1.97 -37.35 -2.79
CA LYS B 108 1.11 -38.21 -1.97
C LYS B 108 0.61 -37.47 -0.74
N ILE B 109 1.41 -36.53 -0.23
CA ILE B 109 1.00 -35.76 0.93
C ILE B 109 -0.19 -34.89 0.56
N MET B 110 -0.15 -34.29 -0.64
CA MET B 110 -1.26 -33.47 -1.12
C MET B 110 -2.55 -34.30 -1.26
N ARG B 111 -2.44 -35.54 -1.72
CA ARG B 111 -3.61 -36.43 -1.76
C ARG B 111 -4.23 -36.61 -0.37
N GLU B 112 -3.40 -36.94 0.61
CA GLU B 112 -3.90 -37.17 1.97
C GLU B 112 -4.56 -35.92 2.54
N VAL B 113 -3.92 -34.77 2.37
CA VAL B 113 -4.46 -33.53 2.89
C VAL B 113 -5.79 -33.20 2.23
N GLY B 114 -5.85 -33.37 0.91
CA GLY B 114 -7.06 -33.14 0.14
C GLY B 114 -8.24 -33.96 0.63
N GLU B 115 -8.00 -35.24 0.87
CA GLU B 115 -9.06 -36.15 1.34
C GLU B 115 -9.59 -35.69 2.68
N ASN B 116 -8.70 -35.20 3.54
CA ASN B 116 -9.11 -34.73 4.85
C ASN B 116 -9.83 -33.38 4.80
N ILE B 117 -9.43 -32.50 3.89
CA ILE B 117 -10.16 -31.25 3.71
C ILE B 117 -11.58 -31.57 3.22
N LYS B 118 -11.68 -32.49 2.27
CA LYS B 118 -12.97 -32.92 1.74
C LYS B 118 -13.89 -33.40 2.85
N LYS B 119 -13.31 -34.12 3.79
CA LYS B 119 -14.09 -34.70 4.89
C LYS B 119 -14.46 -33.67 5.95
N TYR B 120 -13.52 -32.79 6.32
CA TYR B 120 -13.66 -31.98 7.52
C TYR B 120 -13.96 -30.50 7.30
N CYS B 121 -13.51 -29.92 6.18
CA CYS B 121 -13.79 -28.51 5.92
C CYS B 121 -13.90 -28.20 4.42
N PRO B 122 -14.91 -28.80 3.76
CA PRO B 122 -15.03 -28.64 2.31
C PRO B 122 -15.35 -27.22 1.86
N ASN B 123 -15.74 -26.35 2.80
CA ASN B 123 -16.08 -24.97 2.47
C ASN B 123 -14.93 -24.00 2.70
N ALA B 124 -13.76 -24.52 3.07
CA ALA B 124 -12.60 -23.67 3.29
C ALA B 124 -12.03 -23.07 2.00
N PHE B 125 -11.42 -21.90 2.15
CA PHE B 125 -10.52 -21.37 1.11
C PHE B 125 -9.17 -21.97 1.41
N VAL B 126 -8.56 -22.56 0.41
CA VAL B 126 -7.34 -23.35 0.61
C VAL B 126 -6.18 -22.74 -0.18
N ILE B 127 -5.10 -22.46 0.54
CA ILE B 127 -3.90 -21.92 -0.05
C ILE B 127 -2.79 -22.96 0.09
N VAL B 128 -2.23 -23.38 -1.02
CA VAL B 128 -1.16 -24.37 -1.05
C VAL B 128 0.18 -23.68 -1.17
N ILE B 129 1.14 -24.11 -0.35
CA ILE B 129 2.49 -23.57 -0.39
C ILE B 129 3.51 -24.64 -0.81
N THR B 130 3.29 -25.88 -0.39
CA THR B 130 4.17 -27.01 -0.70
C THR B 130 4.66 -27.07 -2.15
N ASN B 131 5.97 -27.26 -2.31
CA ASN B 131 6.59 -27.33 -3.65
C ASN B 131 6.63 -28.76 -4.18
N PRO B 132 6.71 -28.92 -5.51
CA PRO B 132 6.69 -27.91 -6.56
C PRO B 132 5.30 -27.33 -6.73
N LEU B 133 5.22 -26.04 -6.48
CA LEU B 133 3.97 -25.36 -6.19
C LEU B 133 2.84 -25.62 -7.18
N ASP B 134 3.04 -25.33 -8.47
CA ASP B 134 1.91 -25.31 -9.40
C ASP B 134 1.25 -26.66 -9.59
N VAL B 135 2.02 -27.73 -9.52
CA VAL B 135 1.43 -29.06 -9.63
C VAL B 135 0.96 -29.62 -8.27
N MET B 136 1.56 -29.17 -7.18
CA MET B 136 1.06 -29.57 -5.87
C MET B 136 -0.37 -29.03 -5.67
N VAL B 137 -0.64 -27.81 -6.12
CA VAL B 137 -1.98 -27.25 -5.97
CA VAL B 137 -1.98 -27.25 -5.99
C VAL B 137 -2.99 -28.06 -6.81
N LYS B 138 -2.56 -28.51 -7.98
CA LYS B 138 -3.42 -29.32 -8.84
C LYS B 138 -3.79 -30.64 -8.18
N VAL B 139 -2.82 -31.30 -7.53
CA VAL B 139 -3.08 -32.59 -6.87
C VAL B 139 -4.04 -32.38 -5.70
N LEU B 140 -3.83 -31.29 -4.96
CA LEU B 140 -4.69 -30.96 -3.84
C LEU B 140 -6.12 -30.72 -4.32
N HIS B 141 -6.26 -29.91 -5.37
CA HIS B 141 -7.57 -29.63 -5.91
C HIS B 141 -8.30 -30.89 -6.35
N GLU B 142 -7.60 -31.74 -7.09
CA GLU B 142 -8.20 -32.97 -7.59
C GLU B 142 -8.74 -33.86 -6.45
N HIS B 143 -7.93 -34.05 -5.41
CA HIS B 143 -8.32 -35.00 -4.38
C HIS B 143 -9.23 -34.43 -3.32
N SER B 144 -9.35 -33.11 -3.28
CA SER B 144 -10.18 -32.45 -2.26
C SER B 144 -11.63 -32.26 -2.74
N GLY B 145 -11.81 -32.19 -4.06
CA GLY B 145 -13.13 -31.95 -4.63
C GLY B 145 -13.63 -30.52 -4.46
N LEU B 146 -12.76 -29.61 -4.02
CA LEU B 146 -13.16 -28.23 -3.80
C LEU B 146 -13.46 -27.51 -5.11
N PRO B 147 -14.26 -26.44 -5.04
CA PRO B 147 -14.47 -25.59 -6.23
C PRO B 147 -13.18 -24.96 -6.74
N LYS B 148 -13.12 -24.75 -8.04
CA LYS B 148 -11.93 -24.23 -8.70
C LYS B 148 -11.49 -22.91 -8.09
N ASN B 149 -12.46 -22.10 -7.65
CA ASN B 149 -12.20 -20.77 -7.13
C ASN B 149 -11.80 -20.76 -5.66
N LYS B 150 -11.91 -21.92 -5.00
CA LYS B 150 -11.63 -21.98 -3.56
C LYS B 150 -10.28 -22.60 -3.23
N VAL B 151 -9.47 -22.86 -4.24
CA VAL B 151 -8.13 -23.37 -4.07
C VAL B 151 -7.16 -22.55 -4.93
N CYS B 152 -6.00 -22.23 -4.37
CA CYS B 152 -4.95 -21.57 -5.14
C CYS B 152 -3.61 -21.84 -4.48
N GLY B 153 -2.55 -21.53 -5.20
CA GLY B 153 -1.21 -21.65 -4.66
C GLY B 153 -0.58 -20.28 -4.41
N MET B 154 0.20 -20.20 -3.34
CA MET B 154 1.01 -19.05 -3.05
C MET B 154 2.33 -19.22 -3.77
N ALA B 155 2.63 -18.26 -4.64
CA ALA B 155 3.96 -18.15 -5.22
C ALA B 155 4.19 -16.72 -5.73
N GLY B 156 3.28 -16.26 -6.58
CA GLY B 156 3.41 -14.96 -7.20
C GLY B 156 3.57 -13.81 -6.22
N VAL B 157 2.89 -13.85 -5.08
CA VAL B 157 3.03 -12.77 -4.10
C VAL B 157 4.49 -12.72 -3.58
N LEU B 158 5.07 -13.88 -3.36
CA LEU B 158 6.45 -13.98 -2.93
C LEU B 158 7.41 -13.57 -4.03
N ASP B 159 7.23 -14.12 -5.23
CA ASP B 159 8.13 -13.78 -6.32
C ASP B 159 8.04 -12.30 -6.63
N SER B 160 6.81 -11.78 -6.62
CA SER B 160 6.59 -10.36 -6.88
C SER B 160 7.18 -9.49 -5.76
N SER B 161 7.14 -9.96 -4.52
CA SER B 161 7.69 -9.20 -3.40
C SER B 161 9.18 -9.02 -3.56
N ARG B 162 9.80 -10.07 -4.09
CA ARG B 162 11.23 -10.05 -4.35
C ARG B 162 11.58 -9.06 -5.45
N PHE B 163 10.83 -9.11 -6.55
CA PHE B 163 11.04 -8.20 -7.69
C PHE B 163 10.88 -6.76 -7.17
N ARG B 164 9.79 -6.52 -6.43
CA ARG B 164 9.51 -5.22 -5.84
C ARG B 164 10.64 -4.74 -4.94
N HIS B 165 11.07 -5.63 -4.04
CA HIS B 165 12.15 -5.28 -3.12
C HIS B 165 13.41 -4.83 -3.85
N PHE B 166 13.82 -5.60 -4.85
CA PHE B 166 15.08 -5.33 -5.53
C PHE B 166 14.99 -4.02 -6.33
N ILE B 167 13.86 -3.78 -6.97
CA ILE B 167 13.65 -2.54 -7.71
C ILE B 167 13.61 -1.34 -6.75
N ALA B 168 12.84 -1.48 -5.68
CA ALA B 168 12.69 -0.41 -4.70
C ALA B 168 14.06 -0.08 -4.07
N GLU B 169 14.85 -1.09 -3.76
CA GLU B 169 16.18 -0.88 -3.21
C GLU B 169 17.06 -0.10 -4.17
N LYS B 170 17.05 -0.48 -5.44
CA LYS B 170 17.88 0.22 -6.42
C LYS B 170 17.46 1.68 -6.59
N LEU B 171 16.15 1.92 -6.64
CA LEU B 171 15.62 3.28 -6.84
C LEU B 171 15.63 4.11 -5.55
N ASN B 172 15.85 3.43 -4.43
CA ASN B 172 15.79 4.05 -3.10
C ASN B 172 14.45 4.70 -2.80
N VAL B 173 13.38 3.94 -3.06
CA VAL B 173 12.03 4.37 -2.71
C VAL B 173 11.31 3.30 -1.91
N SER B 174 10.22 3.68 -1.27
CA SER B 174 9.39 2.75 -0.50
C SER B 174 8.86 1.61 -1.35
N PRO B 175 8.95 0.35 -0.85
CA PRO B 175 8.38 -0.72 -1.66
C PRO B 175 6.86 -0.68 -1.75
N ARG B 176 6.19 0.04 -0.85
CA ARG B 176 4.76 0.30 -1.03
C ARG B 176 4.49 0.91 -2.40
N ASP B 177 5.43 1.71 -2.89
CA ASP B 177 5.21 2.51 -4.09
C ASP B 177 5.77 1.89 -5.35
N VAL B 178 6.30 0.66 -5.24
CA VAL B 178 6.69 -0.08 -6.42
C VAL B 178 5.68 -1.20 -6.67
N GLN B 179 5.15 -1.20 -7.88
CA GLN B 179 4.30 -2.30 -8.35
C GLN B 179 5.11 -3.18 -9.30
N ALA B 180 5.17 -4.46 -8.99
CA ALA B 180 5.88 -5.42 -9.82
C ALA B 180 5.19 -6.78 -9.72
N MET B 181 5.14 -7.47 -10.85
CA MET B 181 4.51 -8.79 -10.92
C MET B 181 5.49 -9.78 -11.53
N VAL B 182 5.45 -11.00 -11.00
CA VAL B 182 6.08 -12.17 -11.60
C VAL B 182 4.99 -13.19 -11.82
N ILE B 183 4.78 -13.60 -13.08
CA ILE B 183 3.75 -14.57 -13.42
C ILE B 183 4.33 -15.89 -13.93
N GLY B 184 3.48 -16.86 -14.17
CA GLY B 184 3.95 -18.14 -14.67
C GLY B 184 4.20 -19.16 -13.56
N ALA B 185 5.05 -20.14 -13.85
CA ALA B 185 5.42 -21.16 -12.89
C ALA B 185 6.28 -20.62 -11.76
N HIS B 186 6.13 -21.18 -10.58
CA HIS B 186 7.02 -20.85 -9.49
C HIS B 186 8.29 -21.69 -9.61
N GLY B 187 9.18 -21.24 -10.47
CA GLY B 187 10.41 -21.95 -10.74
C GLY B 187 11.30 -21.12 -11.65
N ASP B 188 12.32 -21.76 -12.19
CA ASP B 188 13.33 -21.07 -12.99
C ASP B 188 12.77 -20.34 -14.21
N LYS B 189 11.59 -20.76 -14.69
CA LYS B 189 10.96 -20.12 -15.85
C LYS B 189 9.85 -19.14 -15.44
N MET B 190 9.79 -18.72 -14.17
CA MET B 190 8.89 -17.65 -13.76
C MET B 190 9.20 -16.42 -14.63
N VAL B 191 8.22 -15.53 -14.79
CA VAL B 191 8.35 -14.42 -15.72
C VAL B 191 8.15 -13.08 -14.99
N PRO B 192 9.26 -12.48 -14.55
CA PRO B 192 9.16 -11.10 -14.02
C PRO B 192 8.80 -10.12 -15.13
N LEU B 193 7.71 -9.39 -14.94
CA LEU B 193 7.16 -8.54 -15.99
C LEU B 193 7.71 -7.12 -15.94
N THR B 194 8.91 -6.96 -16.48
CA THR B 194 9.60 -5.68 -16.47
C THR B 194 8.77 -4.55 -17.05
N ARG B 195 8.01 -4.84 -18.10
CA ARG B 195 7.27 -3.80 -18.78
C ARG B 195 6.17 -3.23 -17.89
N TYR B 196 5.71 -4.03 -16.94
CA TYR B 196 4.61 -3.64 -16.05
C TYR B 196 5.08 -3.05 -14.74
N VAL B 197 6.39 -2.98 -14.51
CA VAL B 197 6.90 -2.39 -13.27
C VAL B 197 6.63 -0.89 -13.25
N THR B 198 6.03 -0.40 -12.15
CA THR B 198 5.71 1.01 -12.00
C THR B 198 6.11 1.51 -10.63
N VAL B 199 6.31 2.83 -10.57
CA VAL B 199 6.53 3.55 -9.32
C VAL B 199 5.34 4.50 -9.17
N ASN B 200 4.39 4.10 -8.35
CA ASN B 200 3.12 4.79 -8.26
C ASN B 200 2.51 5.05 -9.62
N GLY B 201 2.55 4.01 -10.47
CA GLY B 201 1.98 4.09 -11.80
C GLY B 201 2.93 4.66 -12.85
N ILE B 202 4.04 5.23 -12.43
CA ILE B 202 5.01 5.78 -13.37
C ILE B 202 5.80 4.62 -13.96
N PRO B 203 5.81 4.48 -15.30
CA PRO B 203 6.56 3.38 -15.87
C PRO B 203 8.04 3.37 -15.46
N LEU B 204 8.56 2.19 -15.15
CA LEU B 204 9.98 2.04 -14.86
C LEU B 204 10.84 2.66 -15.98
N GLN B 205 10.36 2.57 -17.22
CA GLN B 205 11.10 3.11 -18.36
C GLN B 205 11.48 4.58 -18.17
N GLU B 206 10.65 5.36 -17.48
CA GLU B 206 10.96 6.78 -17.28
C GLU B 206 12.21 6.92 -16.43
N PHE B 207 12.38 6.00 -15.49
CA PHE B 207 13.54 6.02 -14.62
C PHE B 207 14.78 5.59 -15.38
N ILE B 208 14.61 4.71 -16.37
CA ILE B 208 15.72 4.30 -17.23
C ILE B 208 16.16 5.51 -18.04
N LYS B 209 15.19 6.15 -18.69
CA LYS B 209 15.49 7.31 -19.52
C LYS B 209 16.19 8.42 -18.73
N LYS B 210 15.88 8.51 -17.43
CA LYS B 210 16.49 9.52 -16.58
C LYS B 210 17.80 9.04 -15.97
N GLY B 211 18.18 7.80 -16.28
CA GLY B 211 19.44 7.25 -15.80
C GLY B 211 19.46 6.89 -14.31
N ARG B 212 18.28 6.81 -13.69
CA ARG B 212 18.19 6.43 -12.28
C ARG B 212 18.39 4.93 -12.10
N ILE B 213 18.24 4.18 -13.19
CA ILE B 213 18.50 2.75 -13.21
C ILE B 213 18.83 2.39 -14.67
N THR B 214 19.70 1.41 -14.88
CA THR B 214 20.06 1.02 -16.24
C THR B 214 19.36 -0.27 -16.63
N GLN B 215 19.30 -0.54 -17.93
CA GLN B 215 18.71 -1.78 -18.41
C GLN B 215 19.52 -2.97 -17.91
N GLU B 216 20.84 -2.82 -17.87
CA GLU B 216 21.70 -3.88 -17.34
C GLU B 216 21.33 -4.21 -15.88
N GLU B 217 21.07 -3.18 -15.08
CA GLU B 217 20.71 -3.38 -13.67
C GLU B 217 19.34 -4.05 -13.54
N ILE B 218 18.43 -3.69 -14.44
CA ILE B 218 17.12 -4.32 -14.47
C ILE B 218 17.25 -5.78 -14.85
N ASP B 219 18.05 -6.06 -15.88
CA ASP B 219 18.27 -7.44 -16.30
C ASP B 219 18.84 -8.28 -15.16
N GLU B 220 19.77 -7.70 -14.40
CA GLU B 220 20.35 -8.37 -13.24
C GLU B 220 19.29 -8.64 -12.15
N ILE B 221 18.39 -7.68 -11.94
CA ILE B 221 17.31 -7.83 -10.96
C ILE B 221 16.33 -8.92 -11.39
N VAL B 222 16.05 -9.00 -12.68
CA VAL B 222 15.16 -10.03 -13.19
C VAL B 222 15.75 -11.42 -12.89
N GLU B 223 17.04 -11.60 -13.15
CA GLU B 223 17.66 -12.89 -12.87
CA GLU B 223 17.71 -12.87 -12.87
C GLU B 223 17.75 -13.12 -11.36
N ARG B 224 18.02 -12.08 -10.59
CA ARG B 224 18.10 -12.24 -9.15
C ARG B 224 16.77 -12.69 -8.56
N THR B 225 15.69 -12.20 -9.14
CA THR B 225 14.35 -12.57 -8.72
C THR B 225 14.11 -14.05 -9.00
N LYS B 226 14.49 -14.50 -10.18
CA LYS B 226 14.34 -15.92 -10.52
C LYS B 226 15.11 -16.83 -9.56
N ASN B 227 16.30 -16.39 -9.18
CA ASN B 227 17.19 -17.21 -8.38
C ASN B 227 17.10 -16.97 -6.88
N ALA B 228 16.17 -16.13 -6.47
CA ALA B 228 16.11 -15.65 -5.08
C ALA B 228 15.91 -16.78 -4.07
N GLY B 229 15.08 -17.76 -4.40
CA GLY B 229 14.84 -18.90 -3.52
C GLY B 229 16.12 -19.66 -3.23
N GLY B 230 16.88 -19.97 -4.28
CA GLY B 230 18.11 -20.72 -4.16
C GLY B 230 19.22 -19.89 -3.52
N GLU B 231 19.18 -18.57 -3.73
CA GLU B 231 20.15 -17.68 -3.09
C GLU B 231 20.02 -17.79 -1.57
N ILE B 232 18.78 -17.83 -1.09
CA ILE B 232 18.53 -17.93 0.34
C ILE B 232 18.87 -19.33 0.87
N VAL B 233 18.52 -20.36 0.10
CA VAL B 233 18.92 -21.73 0.46
C VAL B 233 20.44 -21.83 0.66
N ASN B 234 21.20 -21.26 -0.26
CA ASN B 234 22.65 -21.35 -0.19
C ASN B 234 23.20 -20.62 1.03
N LEU B 235 22.58 -19.52 1.39
CA LEU B 235 23.02 -18.72 2.53
C LEU B 235 22.61 -19.35 3.87
N LEU B 236 21.38 -19.85 3.96
CA LEU B 236 20.88 -20.40 5.22
C LEU B 236 21.56 -21.70 5.61
N GLY B 237 21.80 -22.57 4.63
CA GLY B 237 22.45 -23.84 4.90
C GLY B 237 21.49 -24.96 5.29
N GLN B 238 20.45 -24.63 6.05
CA GLN B 238 19.38 -25.56 6.37
C GLN B 238 18.04 -24.99 5.92
N GLY B 239 17.21 -25.81 5.27
CA GLY B 239 15.88 -25.40 4.85
C GLY B 239 15.88 -24.30 3.81
N SER B 240 14.75 -23.60 3.73
CA SER B 240 14.58 -22.52 2.76
C SER B 240 13.90 -21.30 3.39
N ALA B 241 13.59 -20.29 2.58
CA ALA B 241 12.94 -19.07 3.04
C ALA B 241 11.63 -19.36 3.79
N TYR B 242 11.31 -18.52 4.77
CA TYR B 242 10.05 -18.67 5.49
C TYR B 242 9.38 -17.39 5.94
N PHE B 243 10.15 -16.35 6.23
CA PHE B 243 9.53 -15.10 6.66
C PHE B 243 8.63 -14.51 5.55
N ALA B 244 9.16 -14.39 4.34
CA ALA B 244 8.37 -13.84 3.23
C ALA B 244 7.32 -14.80 2.69
N PRO B 245 7.65 -16.10 2.55
CA PRO B 245 6.59 -17.04 2.17
C PRO B 245 5.39 -17.00 3.13
N ALA B 246 5.67 -16.95 4.44
CA ALA B 246 4.59 -16.88 5.42
C ALA B 246 3.74 -15.61 5.25
N ALA B 247 4.41 -14.45 5.13
CA ALA B 247 3.72 -13.18 4.99
C ALA B 247 2.89 -13.16 3.69
N SER B 248 3.40 -13.79 2.63
CA SER B 248 2.70 -13.81 1.35
C SER B 248 1.39 -14.57 1.46
N ALA B 249 1.45 -15.75 2.07
CA ALA B 249 0.26 -16.56 2.24
C ALA B 249 -0.75 -15.87 3.14
N ILE B 250 -0.29 -15.22 4.21
CA ILE B 250 -1.23 -14.53 5.07
C ILE B 250 -1.89 -13.33 4.40
N GLU B 251 -1.15 -12.63 3.52
CA GLU B 251 -1.75 -11.56 2.73
C GLU B 251 -2.92 -12.10 1.89
N MET B 252 -2.72 -13.25 1.27
CA MET B 252 -3.80 -13.91 0.52
C MET B 252 -4.97 -14.31 1.44
N ALA B 253 -4.65 -14.85 2.61
CA ALA B 253 -5.70 -15.26 3.55
C ALA B 253 -6.53 -14.04 4.01
N GLU B 254 -5.85 -12.93 4.31
CA GLU B 254 -6.54 -11.71 4.74
C GLU B 254 -7.49 -11.23 3.65
N ALA B 255 -7.07 -11.33 2.40
CA ALA B 255 -7.88 -10.86 1.28
C ALA B 255 -9.19 -11.63 1.24
N TYR B 256 -9.10 -12.93 1.48
CA TYR B 256 -10.29 -13.79 1.56
C TYR B 256 -11.15 -13.44 2.78
N LEU B 257 -10.53 -13.45 3.95
CA LEU B 257 -11.26 -13.32 5.22
C LEU B 257 -12.07 -12.04 5.34
N LYS B 258 -11.54 -10.94 4.78
CA LYS B 258 -12.21 -9.66 4.85
C LYS B 258 -12.68 -9.13 3.47
N ASP B 259 -12.74 -10.05 2.50
CA ASP B 259 -13.32 -9.77 1.19
C ASP B 259 -12.71 -8.50 0.60
N LYS B 260 -11.39 -8.47 0.49
CA LYS B 260 -10.70 -7.21 0.21
C LYS B 260 -10.62 -6.86 -1.27
N LYS B 261 -10.76 -7.86 -2.15
CA LYS B 261 -10.63 -7.66 -3.60
C LYS B 261 -9.22 -7.18 -3.95
N ARG B 262 -8.23 -7.79 -3.31
CA ARG B 262 -6.84 -7.51 -3.64
C ARG B 262 -6.52 -8.06 -5.01
N VAL B 263 -5.64 -7.35 -5.72
CA VAL B 263 -5.07 -7.85 -6.95
C VAL B 263 -3.71 -8.46 -6.64
N LEU B 264 -3.65 -9.79 -6.64
CA LEU B 264 -2.48 -10.54 -6.20
C LEU B 264 -2.16 -11.63 -7.23
N VAL B 265 -0.89 -11.86 -7.48
CA VAL B 265 -0.50 -12.94 -8.38
C VAL B 265 -0.46 -14.25 -7.60
N CYS B 266 -1.32 -15.19 -7.99
CA CYS B 266 -1.43 -16.48 -7.33
C CYS B 266 -1.49 -17.57 -8.39
N SER B 267 -1.20 -18.80 -8.00
CA SER B 267 -1.36 -19.94 -8.92
C SER B 267 -2.84 -20.34 -8.91
N CYS B 268 -3.51 -20.07 -10.02
CA CYS B 268 -4.96 -20.16 -10.14
C CYS B 268 -5.37 -21.14 -11.21
N TYR B 269 -6.53 -21.77 -11.03
CA TYR B 269 -7.08 -22.69 -12.01
C TYR B 269 -7.51 -21.92 -13.27
N LEU B 270 -6.91 -22.25 -14.41
CA LEU B 270 -7.24 -21.59 -15.66
C LEU B 270 -8.36 -22.30 -16.38
N GLU B 271 -9.23 -21.52 -16.98
CA GLU B 271 -10.34 -22.04 -17.76
C GLU B 271 -10.39 -21.39 -19.13
N GLY B 272 -9.22 -21.25 -19.76
CA GLY B 272 -9.10 -20.73 -21.10
C GLY B 272 -8.30 -19.44 -21.17
N GLN B 273 -8.10 -18.79 -20.03
CA GLN B 273 -7.32 -17.56 -20.05
C GLN B 273 -5.90 -17.86 -20.51
N TYR B 274 -5.32 -16.91 -21.25
CA TYR B 274 -3.95 -17.03 -21.76
C TYR B 274 -3.80 -18.21 -22.71
N GLY B 275 -4.92 -18.74 -23.18
CA GLY B 275 -4.90 -19.88 -24.09
C GLY B 275 -4.73 -21.26 -23.44
N HIS B 276 -4.90 -21.32 -22.12
CA HIS B 276 -4.66 -22.55 -21.40
C HIS B 276 -5.83 -22.92 -20.49
N LYS B 277 -6.01 -24.20 -20.23
CA LYS B 277 -7.03 -24.62 -19.28
C LYS B 277 -6.65 -25.86 -18.51
N ASP B 278 -7.31 -26.02 -17.36
CA ASP B 278 -7.25 -27.21 -16.53
C ASP B 278 -5.89 -27.45 -15.89
N MET B 279 -5.20 -26.36 -15.61
CA MET B 279 -4.01 -26.38 -14.79
CA MET B 279 -4.01 -26.38 -14.78
C MET B 279 -3.99 -25.13 -13.93
N PHE B 280 -3.18 -25.17 -12.87
CA PHE B 280 -2.90 -23.99 -12.05
C PHE B 280 -1.58 -23.38 -12.52
N VAL B 281 -1.57 -22.06 -12.66
CA VAL B 281 -0.31 -21.38 -12.93
C VAL B 281 -0.45 -19.93 -12.45
N GLY B 282 0.70 -19.30 -12.21
CA GLY B 282 0.74 -17.96 -11.66
C GLY B 282 0.19 -16.89 -12.59
N VAL B 283 -0.88 -16.22 -12.13
CA VAL B 283 -1.54 -15.16 -12.89
C VAL B 283 -2.07 -14.11 -11.92
N PRO B 284 -2.15 -12.84 -12.34
CA PRO B 284 -2.81 -11.86 -11.48
C PRO B 284 -4.28 -12.21 -11.32
N ALA B 285 -4.80 -12.02 -10.12
CA ALA B 285 -6.18 -12.36 -9.82
C ALA B 285 -6.76 -11.42 -8.77
N VAL B 286 -8.07 -11.34 -8.73
CA VAL B 286 -8.77 -10.61 -7.67
C VAL B 286 -9.16 -11.64 -6.63
N ILE B 287 -8.71 -11.41 -5.40
CA ILE B 287 -8.95 -12.31 -4.29
C ILE B 287 -9.90 -11.64 -3.30
N GLY B 288 -11.02 -12.31 -3.01
CA GLY B 288 -11.99 -11.78 -2.05
C GLY B 288 -12.74 -12.91 -1.39
N GLY B 289 -13.95 -12.61 -0.88
CA GLY B 289 -14.72 -13.57 -0.12
C GLY B 289 -15.18 -14.79 -0.91
N ASN B 290 -15.16 -14.70 -2.23
CA ASN B 290 -15.47 -15.88 -3.04
CA ASN B 290 -15.48 -15.86 -3.08
C ASN B 290 -14.20 -16.54 -3.58
N GLY B 291 -13.07 -16.27 -2.94
CA GLY B 291 -11.83 -16.94 -3.30
C GLY B 291 -11.15 -16.22 -4.46
N VAL B 292 -10.79 -16.98 -5.48
CA VAL B 292 -10.29 -16.42 -6.72
C VAL B 292 -11.50 -15.95 -7.52
N GLU B 293 -11.77 -14.65 -7.41
CA GLU B 293 -12.99 -14.10 -7.97
C GLU B 293 -12.87 -13.85 -9.46
N LYS B 294 -11.65 -13.54 -9.90
CA LYS B 294 -11.40 -13.20 -11.30
C LYS B 294 -9.93 -13.44 -11.59
N VAL B 295 -9.63 -14.14 -12.68
CA VAL B 295 -8.29 -14.15 -13.24
C VAL B 295 -8.20 -13.00 -14.21
N ILE B 296 -7.18 -12.17 -14.03
CA ILE B 296 -6.99 -11.03 -14.92
C ILE B 296 -6.09 -11.46 -16.07
N GLU B 297 -6.55 -11.16 -17.27
CA GLU B 297 -5.84 -11.55 -18.48
C GLU B 297 -5.08 -10.35 -19.00
N LEU B 298 -3.78 -10.32 -18.73
CA LEU B 298 -2.92 -9.23 -19.17
C LEU B 298 -2.78 -9.19 -20.69
N GLU B 299 -2.68 -7.99 -21.24
CA GLU B 299 -2.38 -7.81 -22.65
C GLU B 299 -0.87 -8.01 -22.91
N LEU B 300 -0.39 -9.23 -22.70
CA LEU B 300 1.02 -9.54 -22.90
C LEU B 300 1.41 -9.31 -24.35
N THR B 301 2.60 -8.79 -24.56
CA THR B 301 3.20 -8.76 -25.89
C THR B 301 3.50 -10.19 -26.33
N PRO B 302 3.71 -10.42 -27.63
CA PRO B 302 4.08 -11.76 -28.08
C PRO B 302 5.31 -12.31 -27.37
N GLU B 303 6.28 -11.45 -27.07
CA GLU B 303 7.50 -11.90 -26.42
C GLU B 303 7.22 -12.33 -24.97
N GLU B 304 6.42 -11.55 -24.27
CA GLU B 304 6.01 -11.90 -22.92
C GLU B 304 5.15 -13.16 -22.92
N LYS B 305 4.24 -13.25 -23.88
CA LYS B 305 3.37 -14.42 -23.97
C LYS B 305 4.16 -15.69 -24.26
N GLU B 306 5.20 -15.58 -25.09
CA GLU B 306 6.06 -16.75 -25.35
C GLU B 306 6.73 -17.20 -24.05
N LEU B 307 7.22 -16.26 -23.26
CA LEU B 307 7.82 -16.60 -21.96
C LEU B 307 6.81 -17.29 -21.05
N PHE B 308 5.60 -16.75 -21.01
CA PHE B 308 4.54 -17.34 -20.20
C PHE B 308 4.20 -18.76 -20.67
N ASP B 309 4.03 -18.95 -21.96
CA ASP B 309 3.69 -20.25 -22.49
C ASP B 309 4.81 -21.25 -22.24
N LYS B 310 6.06 -20.81 -22.29
CA LYS B 310 7.19 -21.68 -21.94
C LYS B 310 7.14 -22.05 -20.47
N SER B 311 6.69 -21.11 -19.65
CA SER B 311 6.55 -21.33 -18.21
C SER B 311 5.49 -22.39 -17.98
N VAL B 312 4.37 -22.28 -18.70
CA VAL B 312 3.28 -23.24 -18.59
C VAL B 312 3.75 -24.62 -19.03
N GLU B 313 4.58 -24.67 -20.06
CA GLU B 313 5.10 -25.95 -20.53
C GLU B 313 5.90 -26.66 -19.44
N GLU B 314 6.59 -25.91 -18.58
CA GLU B 314 7.32 -26.52 -17.47
C GLU B 314 6.34 -27.17 -16.50
N VAL B 315 5.20 -26.53 -16.27
CA VAL B 315 4.17 -27.12 -15.41
C VAL B 315 3.61 -28.39 -16.04
N ARG B 316 3.34 -28.35 -17.34
CA ARG B 316 2.87 -29.52 -18.06
C ARG B 316 3.85 -30.70 -17.94
N LYS B 317 5.15 -30.42 -18.03
CA LYS B 317 6.17 -31.47 -17.86
C LYS B 317 6.11 -32.07 -16.45
N LEU B 318 5.96 -31.22 -15.44
CA LEU B 318 5.86 -31.70 -14.06
C LEU B 318 4.57 -32.53 -13.89
N GLN B 319 3.50 -32.10 -14.55
CA GLN B 319 2.21 -32.78 -14.46
C GLN B 319 2.31 -34.19 -15.03
N LYS B 320 3.18 -34.39 -16.04
CA LYS B 320 3.40 -35.72 -16.59
C LYS B 320 4.01 -36.62 -15.51
N ALA B 321 4.93 -36.08 -14.73
CA ALA B 321 5.55 -36.83 -13.63
C ALA B 321 4.51 -37.20 -12.57
N ILE B 322 3.59 -36.26 -12.29
CA ILE B 322 2.49 -36.52 -11.37
C ILE B 322 1.63 -37.67 -11.89
N LYS B 323 1.32 -37.62 -13.18
CA LYS B 323 0.51 -38.67 -13.80
C LYS B 323 1.19 -40.03 -13.62
N ALA B 324 2.50 -40.05 -13.79
CA ALA B 324 3.29 -41.28 -13.66
C ALA B 324 3.28 -41.87 -12.24
N LEU B 325 2.78 -41.10 -11.27
CA LEU B 325 2.68 -41.59 -9.90
C LEU B 325 1.35 -42.28 -9.64
C1 OXM C . -10.56 21.26 -0.11
N1 OXM C . -11.43 21.78 0.76
O1 OXM C . -9.53 21.86 -0.51
C2 OXM C . -10.87 19.91 -0.65
O2 OXM C . -11.65 19.23 -0.07
O3 OXM C . -10.35 19.51 -1.70
HN1 OXM C . -12.32 21.31 0.93
HN2 OXM C . -11.21 22.64 1.24
NA NA D . -8.02 22.62 11.88
NA NA E . -3.39 21.87 12.18
NA NA F . -0.07 15.99 -0.82
NA NA G . -1.41 17.82 -6.95
NA NA H . -14.30 19.69 0.93
NA NA I . -10.17 16.83 -5.27
NA NA J . -11.80 19.06 -5.46
PA NAI K . -11.84 24.68 10.71
O1A NAI K . -12.65 25.97 10.47
O2A NAI K . -12.49 23.54 11.37
O5B NAI K . -10.52 24.99 11.55
C5B NAI K . -9.71 26.09 11.22
C4B NAI K . -9.12 26.57 12.56
O4B NAI K . -8.17 27.60 12.28
C3B NAI K . -10.17 27.13 13.52
O3B NAI K . -10.24 26.38 14.72
C2B NAI K . -9.61 28.48 13.86
O2B NAI K . -10.08 29.20 15.00
C1B NAI K . -8.17 28.45 13.41
N9A NAI K . -7.51 29.73 13.16
C8A NAI K . -7.95 30.84 12.53
N7A NAI K . -6.97 31.79 12.58
C5A NAI K . -5.92 31.27 13.25
C6A NAI K . -4.57 31.72 13.67
N6A NAI K . -4.14 32.96 13.35
N1A NAI K . -3.80 30.85 14.35
C2A NAI K . -4.22 29.61 14.68
N3A NAI K . -5.43 29.15 14.33
C4A NAI K . -6.29 29.92 13.64
O3 NAI K . -11.26 24.26 9.30
PN NAI K . -10.66 22.89 8.73
O1N NAI K . -11.78 22.03 8.23
O2N NAI K . -9.71 22.31 9.72
O5D NAI K . -9.91 23.41 7.44
C5D NAI K . -8.71 24.20 7.63
C4D NAI K . -8.14 24.73 6.34
O4D NAI K . -7.79 23.63 5.49
C3D NAI K . -9.11 25.59 5.53
O3D NAI K . -8.39 26.73 5.00
C2D NAI K . -9.53 24.66 4.40
O2D NAI K . -9.94 25.30 3.20
C1D NAI K . -8.27 23.85 4.16
N1N NAI K . -8.40 22.58 3.45
C2N NAI K . -7.41 22.22 2.65
C3N NAI K . -7.37 21.01 1.97
C7N NAI K . -6.19 20.66 1.11
O7N NAI K . -5.14 21.36 1.07
N7N NAI K . -6.27 19.54 0.40
C4N NAI K . -8.51 20.06 2.16
C5N NAI K . -9.56 20.55 3.04
C6N NAI K . -9.44 21.77 3.69
H51A NAI K . -10.31 26.89 10.77
H52A NAI K . -8.91 25.80 10.53
H4B NAI K . -8.62 25.72 13.04
H3B NAI K . -11.15 27.22 13.01
HO3A NAI K . -10.87 26.80 15.32
H2B NAI K . -9.18 27.92 14.69
HO2A NAI K . -11.00 29.47 14.86
H1B NAI K . -7.61 27.95 14.21
H8A NAI K . -8.92 30.95 12.06
H61A NAI K . -4.73 33.59 12.83
H62A NAI K . -3.21 33.26 13.63
H2A NAI K . -3.56 28.96 15.23
H51N NAI K . -8.96 25.04 8.28
H52N NAI K . -7.97 23.59 8.14
H4D NAI K . -7.25 25.32 6.58
H3D NAI K . -9.98 25.88 6.13
HO3N NAI K . -8.99 27.24 4.45
H2D NAI K . -10.31 23.99 4.76
HO2N NAI K . -10.71 25.86 3.38
H1D NAI K . -7.55 24.50 3.62
H2N NAI K . -6.57 22.88 2.55
H71N NAI K . -5.50 19.25 -0.18
H72N NAI K . -7.10 18.97 0.46
H4N NAI K . -8.13 19.12 2.55
H42N NAI K . -8.97 19.85 1.18
H5N NAI K . -10.42 19.93 3.24
H6N NAI K . -10.24 22.11 4.34
C1 OXM L . 10.93 -21.47 -2.53
N1 OXM L . 11.58 -22.24 -1.67
O1 OXM L . 10.06 -21.93 -3.32
C2 OXM L . 11.28 -20.03 -2.58
O2 OXM L . 11.82 -19.49 -1.58
O3 OXM L . 11.01 -19.41 -3.64
HN1 OXM L . 12.37 -21.85 -1.16
HN2 OXM L . 11.28 -23.19 -1.51
NA NA M . -14.43 -24.57 -0.49
PA NAI N . 9.51 -27.50 7.15
O1A NAI N . 10.30 -28.77 6.88
O2A NAI N . 10.06 -26.52 8.17
O5B NAI N . 8.03 -27.93 7.55
C5B NAI N . 7.33 -28.92 6.83
C4B NAI N . 6.43 -29.63 7.82
O4B NAI N . 5.57 -30.50 7.12
C3B NAI N . 7.21 -30.49 8.83
O3B NAI N . 6.95 -30.05 10.16
C2B NAI N . 6.70 -31.89 8.57
O2B NAI N . 6.59 -32.71 9.74
C1B NAI N . 5.33 -31.61 7.98
N9A NAI N . 4.73 -32.76 7.28
C8A NAI N . 5.33 -33.71 6.54
N7A NAI N . 4.42 -34.60 6.10
C5A NAI N . 3.20 -34.22 6.54
C6A NAI N . 1.81 -34.71 6.44
N6A NAI N . 1.52 -35.83 5.74
N1A NAI N . 0.86 -33.99 7.07
C2A NAI N . 1.13 -32.88 7.78
N3A NAI N . 2.37 -32.39 7.93
C4A NAI N . 3.42 -33.01 7.34
O3 NAI N . 9.32 -26.75 5.73
PN NAI N . 8.86 -25.22 5.44
O1N NAI N . 10.08 -24.33 5.44
O2N NAI N . 7.67 -24.89 6.31
O5D NAI N . 8.40 -25.42 3.90
C5D NAI N . 7.25 -26.21 3.63
C4D NAI N . 6.99 -26.36 2.14
O4D NAI N . 6.84 -25.07 1.54
C3D NAI N . 8.14 -27.04 1.41
O3D NAI N . 7.55 -28.00 0.52
C2D NAI N . 8.82 -25.90 0.66
O2D NAI N . 9.50 -26.27 -0.55
C1D NAI N . 7.65 -24.99 0.35
N1N NAI N . 7.94 -23.58 0.04
C2N NAI N . 7.19 -22.99 -0.89
C3N NAI N . 7.33 -21.67 -1.25
C7N NAI N . 6.42 -21.12 -2.32
O7N NAI N . 5.42 -21.73 -2.70
N7N NAI N . 6.73 -19.93 -2.83
C4N NAI N . 8.34 -20.79 -0.55
C5N NAI N . 9.09 -21.53 0.45
C6N NAI N . 8.84 -22.88 0.72
H51A NAI N . 6.74 -28.48 6.04
H52A NAI N . 8.04 -29.64 6.39
H4B NAI N . 5.86 -28.87 8.37
H3B NAI N . 8.28 -30.43 8.60
HO3A NAI N . 7.39 -30.64 10.78
H2B NAI N . 7.33 -32.38 7.81
HO2A NAI N . 7.48 -32.89 10.09
H1B NAI N . 4.67 -31.29 8.79
H8A NAI N . 6.39 -33.77 6.34
H61A NAI N . 2.25 -36.34 5.26
H62A NAI N . 0.56 -36.15 5.66
H2A NAI N . 0.32 -32.36 8.27
H51N NAI N . 6.38 -25.76 4.11
H52N NAI N . 7.39 -27.21 4.07
H4D NAI N . 6.08 -26.94 1.99
H3D NAI N . 8.83 -27.51 2.12
HO3N NAI N . 8.24 -28.45 0.02
H2D NAI N . 9.51 -25.38 1.34
HO2N NAI N . 10.22 -26.90 -0.35
H1D NAI N . 7.09 -25.43 -0.49
H2N NAI N . 6.44 -23.59 -1.39
H71N NAI N . 7.54 -19.44 -2.51
H72N NAI N . 6.14 -19.53 -3.54
H4N NAI N . 7.83 -19.96 -0.07
H42N NAI N . 9.04 -20.38 -1.29
H5N NAI N . 9.86 -21.01 1.01
H6N NAI N . 9.43 -23.37 1.48
#